data_4K36
#
_entry.id   4K36
#
_cell.length_a   46.561
_cell.length_b   92.617
_cell.length_c   92.348
_cell.angle_alpha   90.000
_cell.angle_beta   94.000
_cell.angle_gamma   90.000
#
_symmetry.space_group_name_H-M   'P 1 21 1'
#
loop_
_entity.id
_entity.type
_entity.pdbx_description
1 polymer 'Anaerobic sulfatase-maturating enzyme'
2 non-polymer 'IRON/SULFUR CLUSTER'
3 non-polymer S-ADENOSYLMETHIONINE
4 non-polymer 'CHLORIDE ION'
5 water water
#
_entity_poly.entity_id   1
_entity_poly.type   'polypeptide(L)'
_entity_poly.pdbx_seq_one_letter_code
;MPPLSLLIKPASSGCNLKCTYCFYHSLSDNRNVKSYGIMRDEVLESMVKRVLNEANGHCSFAFQGGEPTLAGLEFFEKLM
ELQRKHNYKNLKIYNSLQTNGTLIDESWAKFLSENKFLVGLSMDGPKEIHNLNRKDCCGLDTFSKVERAAELFKKYKVEF
NILCVVTSNTARHVNKVYKYFKEKDFKFLQFINCLDPLYEEKGKYNYSLKPKDYTKFLKNLFDFWYEDFLNGNRVSIRYF
DGLLETILLGKSSSCGMNGTCTCQFVVESDGSVYPCDFYVLDKWRLGNIQDMTMKELFETNKNHEFIKLSFKVHEECKKC
KWFRLCKGGCRRCRDSKEDSALELNYYCQSYKEFFEYAFPRLINVANNIKSDPNSSSVDKLAAALEHHHHHH
;
_entity_poly.pdbx_strand_id   A,B
#
loop_
_chem_comp.id
_chem_comp.type
_chem_comp.name
_chem_comp.formula
CL non-polymer 'CHLORIDE ION' 'Cl -1'
SAM non-polymer S-ADENOSYLMETHIONINE 'C15 H22 N6 O5 S'
SF4 non-polymer 'IRON/SULFUR CLUSTER' 'Fe4 S4'
#
# COMPACT_ATOMS: atom_id res chain seq x y z
N PRO A 2 3.50 -0.80 -9.28
CA PRO A 2 2.70 -0.06 -8.30
C PRO A 2 1.35 -0.33 -8.87
N PRO A 3 0.25 0.22 -8.37
CA PRO A 3 -1.03 0.14 -9.08
C PRO A 3 -0.77 0.92 -10.36
N LEU A 4 -1.47 0.59 -11.44
CA LEU A 4 -1.30 1.33 -12.69
C LEU A 4 -2.65 1.87 -13.13
N SER A 5 -2.65 3.10 -13.61
CA SER A 5 -3.87 3.77 -14.06
C SER A 5 -3.57 4.31 -15.45
N LEU A 6 -4.43 4.03 -16.43
CA LEU A 6 -4.20 4.56 -17.79
C LEU A 6 -5.42 5.33 -18.24
N LEU A 7 -5.17 6.32 -19.08
CA LEU A 7 -6.23 7.08 -19.71
CA LEU A 7 -6.22 7.09 -19.71
C LEU A 7 -6.15 6.80 -21.21
N ILE A 8 -7.16 6.13 -21.74
CA ILE A 8 -7.04 5.60 -23.09
C ILE A 8 -7.98 6.38 -24.01
N LYS A 9 -7.54 6.70 -25.23
CA LYS A 9 -8.39 7.34 -26.23
C LYS A 9 -8.66 6.36 -27.37
N PRO A 10 -9.71 5.53 -27.21
CA PRO A 10 -9.86 4.42 -28.15
C PRO A 10 -10.38 4.86 -29.52
N ALA A 11 -10.91 6.08 -29.61
CA ALA A 11 -11.26 6.62 -30.94
C ALA A 11 -10.41 7.83 -31.21
N SER A 12 -9.29 7.90 -30.49
CA SER A 12 -8.37 9.00 -30.62
C SER A 12 -9.12 10.30 -30.36
N SER A 13 -8.88 11.31 -31.19
CA SER A 13 -9.51 12.61 -31.01
C SER A 13 -10.82 12.74 -31.79
N GLY A 14 -11.24 11.67 -32.45
CA GLY A 14 -12.51 11.67 -33.18
C GLY A 14 -13.72 11.99 -32.31
N CYS A 15 -14.63 12.79 -32.84
CA CYS A 15 -15.83 13.16 -32.09
C CYS A 15 -16.97 13.49 -33.02
N ASN A 16 -18.18 13.29 -32.54
CA ASN A 16 -19.34 13.64 -33.36
C ASN A 16 -19.85 15.04 -33.04
N LEU A 17 -19.27 15.70 -32.03
CA LEU A 17 -19.69 17.07 -31.71
C LEU A 17 -18.59 18.08 -32.01
N LYS A 18 -18.89 19.36 -31.83
CA LYS A 18 -17.89 20.37 -32.07
C LYS A 18 -18.01 21.49 -31.03
N CYS A 19 -17.78 21.15 -29.78
CA CYS A 19 -18.03 22.05 -28.65
C CYS A 19 -17.12 23.25 -28.82
N THR A 20 -17.67 24.46 -28.69
CA THR A 20 -16.94 25.69 -28.99
CA THR A 20 -16.93 25.67 -29.00
C THR A 20 -15.56 25.79 -28.31
N TYR A 21 -15.49 25.39 -27.03
CA TYR A 21 -14.27 25.54 -26.26
C TYR A 21 -13.33 24.33 -26.35
N CYS A 22 -13.75 23.30 -27.07
CA CYS A 22 -13.00 22.05 -27.03
C CYS A 22 -11.76 22.09 -27.93
N PHE A 23 -10.60 21.87 -27.34
CA PHE A 23 -9.36 21.76 -28.08
C PHE A 23 -8.90 20.29 -28.23
N TYR A 24 -9.77 19.35 -27.86
CA TYR A 24 -9.42 17.92 -27.89
C TYR A 24 -9.84 17.20 -29.18
N HIS A 25 -10.86 17.71 -29.86
CA HIS A 25 -11.39 16.98 -31.01
C HIS A 25 -10.67 17.27 -32.30
N SER A 26 -10.82 16.36 -33.25
CA SER A 26 -9.96 16.33 -34.44
C SER A 26 -10.30 17.43 -35.45
N LEU A 27 -11.56 17.91 -35.40
CA LEU A 27 -11.99 18.99 -36.29
C LEU A 27 -11.90 20.37 -35.61
N SER A 28 -11.14 20.43 -34.50
CA SER A 28 -11.10 21.64 -33.64
C SER A 28 -10.06 22.73 -33.98
N ASP A 29 -10.00 23.71 -33.08
CA ASP A 29 -9.18 24.92 -33.24
C ASP A 29 -7.70 24.68 -33.57
N ASN A 30 -7.05 25.73 -34.07
CA ASN A 30 -5.64 25.68 -34.45
C ASN A 30 -5.31 24.54 -35.41
N VAL A 33 -4.27 18.70 -33.78
CA VAL A 33 -5.02 17.53 -33.29
C VAL A 33 -5.24 16.47 -34.39
N LYS A 34 -4.28 15.58 -34.54
CA LYS A 34 -4.38 14.49 -35.50
C LYS A 34 -5.27 13.42 -34.88
N SER A 35 -5.94 12.62 -35.70
CA SER A 35 -6.66 11.46 -35.20
C SER A 35 -5.94 10.20 -35.64
N TYR A 36 -5.71 9.27 -34.71
CA TYR A 36 -5.03 8.04 -35.05
C TYR A 36 -6.03 6.94 -35.39
N GLY A 37 -7.30 7.32 -35.48
CA GLY A 37 -8.38 6.39 -35.81
C GLY A 37 -8.78 5.54 -34.62
N ILE A 38 -9.42 4.42 -34.88
CA ILE A 38 -9.87 3.55 -33.80
CA ILE A 38 -9.89 3.53 -33.83
C ILE A 38 -8.76 2.60 -33.43
N MET A 39 -8.57 2.42 -32.12
CA MET A 39 -7.52 1.53 -31.66
C MET A 39 -7.71 0.09 -32.20
N ARG A 40 -6.70 -0.41 -32.90
CA ARG A 40 -6.76 -1.77 -33.44
C ARG A 40 -6.80 -2.81 -32.32
N ASP A 41 -7.47 -3.93 -32.61
CA ASP A 41 -7.58 -5.06 -31.66
C ASP A 41 -6.19 -5.45 -31.14
N GLU A 42 -5.19 -5.46 -32.01
CA GLU A 42 -3.84 -5.85 -31.60
C GLU A 42 -3.23 -4.92 -30.55
N VAL A 43 -3.57 -3.64 -30.65
CA VAL A 43 -3.00 -2.64 -29.76
C VAL A 43 -3.73 -2.74 -28.43
N LEU A 44 -5.03 -2.94 -28.47
CA LEU A 44 -5.83 -3.11 -27.25
C LEU A 44 -5.31 -4.31 -26.47
N GLU A 45 -5.11 -5.43 -27.17
CA GLU A 45 -4.63 -6.64 -26.49
C GLU A 45 -3.28 -6.42 -25.86
N SER A 46 -2.35 -5.82 -26.59
CA SER A 46 -1.03 -5.53 -26.05
C SER A 46 -1.10 -4.72 -24.78
N MET A 47 -1.91 -3.68 -24.82
CA MET A 47 -2.05 -2.75 -23.70
C MET A 47 -2.64 -3.41 -22.45
N VAL A 48 -3.72 -4.16 -22.63
CA VAL A 48 -4.37 -4.81 -21.50
C VAL A 48 -3.46 -5.87 -20.87
N LYS A 49 -2.84 -6.69 -21.70
CA LYS A 49 -1.99 -7.74 -21.12
C LYS A 49 -0.82 -7.12 -20.37
N ARG A 50 -0.26 -6.07 -20.93
CA ARG A 50 0.87 -5.40 -20.28
C ARG A 50 0.54 -4.85 -18.90
N VAL A 51 -0.58 -4.13 -18.82
CA VAL A 51 -1.01 -3.59 -17.54
C VAL A 51 -1.29 -4.71 -16.54
N LEU A 52 -1.96 -5.76 -16.99
CA LEU A 52 -2.34 -6.82 -16.06
C LEU A 52 -1.10 -7.57 -15.56
N ASN A 53 -0.05 -7.63 -16.38
CA ASN A 53 1.20 -8.33 -15.97
C ASN A 53 2.10 -7.47 -15.10
N GLU A 54 2.04 -6.15 -15.29
CA GLU A 54 3.00 -5.26 -14.65
C GLU A 54 2.46 -4.51 -13.44
N ALA A 55 1.14 -4.48 -13.31
CA ALA A 55 0.50 -3.83 -12.13
C ALA A 55 0.55 -4.69 -10.89
N ASN A 56 0.55 -4.00 -9.75
CA ASN A 56 0.39 -4.65 -8.45
C ASN A 56 -0.74 -3.95 -7.71
N GLY A 57 -1.49 -4.71 -6.92
CA GLY A 57 -2.57 -4.14 -6.15
C GLY A 57 -3.82 -4.07 -6.99
N HIS A 58 -3.85 -3.12 -7.91
CA HIS A 58 -5.03 -2.97 -8.75
C HIS A 58 -4.64 -2.20 -9.98
N CYS A 59 -5.55 -2.10 -10.92
CA CYS A 59 -5.29 -1.25 -12.05
C CYS A 59 -6.57 -0.58 -12.51
N SER A 60 -6.45 0.46 -13.30
CA SER A 60 -7.65 1.14 -13.75
CA SER A 60 -7.62 1.24 -13.71
C SER A 60 -7.49 1.57 -15.19
N PHE A 61 -8.57 1.44 -15.97
CA PHE A 61 -8.58 1.82 -17.37
C PHE A 61 -9.66 2.89 -17.52
N ALA A 62 -9.28 4.08 -17.97
CA ALA A 62 -10.25 5.19 -18.17
C ALA A 62 -10.30 5.51 -19.66
N PHE A 63 -11.51 5.57 -20.23
CA PHE A 63 -11.65 5.74 -21.68
C PHE A 63 -12.27 7.12 -21.94
N GLN A 64 -11.50 7.93 -22.68
CA GLN A 64 -11.84 9.30 -22.98
C GLN A 64 -11.59 9.65 -24.46
N GLY A 65 -11.21 10.87 -24.81
CA GLY A 65 -11.03 11.19 -26.24
C GLY A 65 -11.11 12.70 -26.43
N GLY A 66 -11.69 13.20 -27.52
CA GLY A 66 -12.54 12.45 -28.40
C GLY A 66 -13.73 11.89 -27.70
N GLU A 67 -14.61 11.27 -28.46
CA GLU A 67 -15.78 10.62 -27.89
C GLU A 67 -15.50 9.11 -27.93
N PRO A 68 -15.22 8.51 -26.79
CA PRO A 68 -14.84 7.08 -26.78
C PRO A 68 -15.91 6.10 -27.25
N THR A 69 -17.18 6.45 -27.12
CA THR A 69 -18.25 5.60 -27.66
C THR A 69 -18.20 5.41 -29.18
N LEU A 70 -17.43 6.26 -29.87
CA LEU A 70 -17.24 6.10 -31.34
C LEU A 70 -16.45 4.86 -31.67
N ALA A 71 -15.70 4.29 -30.71
CA ALA A 71 -14.98 3.01 -30.96
C ALA A 71 -15.97 1.85 -31.07
N GLY A 72 -17.16 2.06 -30.53
CA GLY A 72 -18.25 1.12 -30.63
C GLY A 72 -18.34 0.14 -29.51
N LEU A 73 -19.53 -0.40 -29.32
CA LEU A 73 -19.76 -1.31 -28.21
C LEU A 73 -18.92 -2.58 -28.30
N GLU A 74 -18.71 -3.10 -29.51
CA GLU A 74 -17.90 -4.31 -29.69
C GLU A 74 -16.48 -4.17 -29.13
N PHE A 75 -15.89 -2.98 -29.30
CA PHE A 75 -14.56 -2.68 -28.75
C PHE A 75 -14.57 -2.92 -27.25
N PHE A 76 -15.57 -2.38 -26.58
CA PHE A 76 -15.65 -2.51 -25.15
C PHE A 76 -15.97 -3.94 -24.68
N GLU A 77 -16.76 -4.67 -25.47
CA GLU A 77 -16.92 -6.09 -25.19
C GLU A 77 -15.61 -6.85 -25.28
N LYS A 78 -14.76 -6.50 -26.21
CA LYS A 78 -13.50 -7.20 -26.36
C LYS A 78 -12.56 -6.83 -25.26
N LEU A 79 -12.62 -5.56 -24.83
CA LEU A 79 -11.89 -5.16 -23.65
C LEU A 79 -12.23 -6.03 -22.44
N MET A 80 -13.51 -6.30 -22.21
CA MET A 80 -13.90 -7.05 -21.02
C MET A 80 -13.45 -8.51 -21.11
N GLU A 81 -13.53 -9.05 -22.31
CA GLU A 81 -13.02 -10.42 -22.53
C GLU A 81 -11.52 -10.50 -22.27
N LEU A 82 -10.77 -9.50 -22.74
CA LEU A 82 -9.33 -9.49 -22.42
C LEU A 82 -9.06 -9.40 -20.92
N GLN A 83 -9.81 -8.56 -20.22
CA GLN A 83 -9.63 -8.49 -18.78
C GLN A 83 -9.93 -9.79 -18.06
N ARG A 84 -10.95 -10.49 -18.55
CA ARG A 84 -11.30 -11.74 -17.92
C ARG A 84 -10.26 -12.80 -18.19
N LYS A 85 -9.68 -12.79 -19.38
CA LYS A 85 -8.80 -13.91 -19.76
C LYS A 85 -7.37 -13.77 -19.23
N HIS A 86 -6.93 -12.53 -19.05
CA HIS A 86 -5.51 -12.25 -18.89
C HIS A 86 -5.14 -11.62 -17.55
N ASN A 87 -6.09 -11.61 -16.62
CA ASN A 87 -5.80 -11.10 -15.28
C ASN A 87 -5.23 -12.20 -14.36
N TYR A 88 -4.00 -12.61 -14.62
CA TYR A 88 -3.44 -13.82 -13.99
C TYR A 88 -3.19 -13.59 -12.50
N LYS A 89 -3.01 -12.32 -12.12
CA LYS A 89 -2.75 -11.99 -10.72
C LYS A 89 -4.04 -11.77 -9.93
N ASN A 90 -5.19 -11.83 -10.61
CA ASN A 90 -6.48 -11.60 -9.96
C ASN A 90 -6.50 -10.24 -9.30
N LEU A 91 -5.96 -9.26 -10.00
CA LEU A 91 -6.10 -7.86 -9.55
C LEU A 91 -7.53 -7.34 -9.63
N LYS A 92 -7.87 -6.39 -8.75
CA LYS A 92 -9.11 -5.68 -8.95
C LYS A 92 -8.90 -4.71 -10.10
N ILE A 93 -9.87 -4.68 -11.00
CA ILE A 93 -9.79 -3.79 -12.16
C ILE A 93 -10.90 -2.75 -12.12
N TYR A 94 -10.53 -1.50 -12.33
CA TYR A 94 -11.51 -0.44 -12.39
C TYR A 94 -11.61 0.06 -13.85
N ASN A 95 -12.83 0.22 -14.31
CA ASN A 95 -13.05 0.75 -15.66
C ASN A 95 -13.91 1.98 -15.60
N SER A 96 -13.63 2.96 -16.46
CA SER A 96 -14.45 4.16 -16.48
C SER A 96 -14.54 4.72 -17.90
N LEU A 97 -15.55 5.54 -18.16
CA LEU A 97 -15.81 6.07 -19.52
C LEU A 97 -16.25 7.52 -19.32
N GLN A 98 -15.64 8.45 -20.05
CA GLN A 98 -16.09 9.86 -20.04
C GLN A 98 -16.77 10.07 -21.39
N THR A 99 -18.04 10.50 -21.39
CA THR A 99 -18.78 10.51 -22.68
C THR A 99 -19.66 11.73 -22.81
N ASN A 100 -19.85 12.15 -24.06
CA ASN A 100 -20.81 13.23 -24.34
C ASN A 100 -22.26 12.76 -24.27
N GLY A 101 -22.45 11.44 -24.18
CA GLY A 101 -23.77 10.89 -23.96
C GLY A 101 -24.64 10.75 -25.19
N THR A 102 -24.25 11.38 -26.28
CA THR A 102 -25.19 11.53 -27.41
C THR A 102 -25.46 10.23 -28.17
N LEU A 103 -24.57 9.25 -28.03
CA LEU A 103 -24.77 7.94 -28.65
C LEU A 103 -25.20 6.83 -27.68
N ILE A 104 -25.31 7.15 -26.39
CA ILE A 104 -25.79 6.19 -25.43
C ILE A 104 -27.21 5.75 -25.72
N ASP A 105 -27.40 4.43 -25.76
CA ASP A 105 -28.72 3.86 -25.91
C ASP A 105 -28.86 2.70 -24.90
N GLU A 106 -29.92 1.91 -25.04
CA GLU A 106 -30.18 0.83 -24.09
C GLU A 106 -29.02 -0.19 -24.05
N SER A 107 -28.45 -0.51 -25.20
CA SER A 107 -27.33 -1.45 -25.26
C SER A 107 -26.10 -0.95 -24.51
N TRP A 108 -25.77 0.33 -24.66
CA TRP A 108 -24.68 0.90 -23.88
C TRP A 108 -24.98 0.91 -22.39
N ALA A 109 -26.19 1.34 -22.00
CA ALA A 109 -26.53 1.47 -20.59
C ALA A 109 -26.45 0.09 -19.89
N LYS A 110 -26.94 -0.94 -20.59
CA LYS A 110 -26.88 -2.30 -20.04
C LYS A 110 -25.44 -2.76 -19.90
N PHE A 111 -24.64 -2.54 -20.92
CA PHE A 111 -23.21 -2.91 -20.85
C PHE A 111 -22.51 -2.21 -19.70
N LEU A 112 -22.70 -0.89 -19.58
CA LEU A 112 -21.98 -0.12 -18.55
C LEU A 112 -22.44 -0.52 -17.14
N SER A 113 -23.72 -0.86 -17.00
CA SER A 113 -24.21 -1.26 -15.69
C SER A 113 -23.67 -2.66 -15.36
N GLU A 114 -23.84 -3.59 -16.30
CA GLU A 114 -23.43 -5.00 -16.09
C GLU A 114 -21.92 -5.10 -15.78
N ASN A 115 -21.10 -4.26 -16.41
CA ASN A 115 -19.65 -4.30 -16.23
C ASN A 115 -19.07 -3.30 -15.25
N LYS A 116 -19.97 -2.68 -14.47
CA LYS A 116 -19.58 -1.82 -13.36
C LYS A 116 -18.68 -0.65 -13.76
N PHE A 117 -18.96 -0.01 -14.89
CA PHE A 117 -18.16 1.13 -15.27
C PHE A 117 -18.60 2.36 -14.44
N LEU A 118 -17.65 3.23 -14.12
CA LEU A 118 -17.98 4.57 -13.62
C LEU A 118 -18.06 5.47 -14.84
N VAL A 119 -19.15 6.20 -15.03
CA VAL A 119 -19.27 7.01 -16.26
C VAL A 119 -19.25 8.49 -15.87
N GLY A 120 -18.47 9.31 -16.58
CA GLY A 120 -18.56 10.78 -16.48
C GLY A 120 -19.37 11.26 -17.67
N LEU A 121 -20.46 11.98 -17.40
CA LEU A 121 -21.36 12.43 -18.45
C LEU A 121 -21.24 13.92 -18.56
N SER A 122 -20.87 14.42 -19.73
CA SER A 122 -20.68 15.88 -19.88
C SER A 122 -21.98 16.65 -20.09
N MET A 123 -22.26 17.55 -19.15
CA MET A 123 -23.48 18.32 -19.20
C MET A 123 -23.16 19.65 -18.56
N ASP A 124 -23.44 20.74 -19.28
CA ASP A 124 -22.98 22.06 -18.83
C ASP A 124 -24.05 22.83 -18.04
N GLY A 125 -25.23 22.25 -17.88
CA GLY A 125 -26.29 22.96 -17.17
C GLY A 125 -27.60 22.68 -17.87
N PRO A 126 -28.62 23.51 -17.61
CA PRO A 126 -29.93 23.39 -18.26
C PRO A 126 -29.79 23.74 -19.73
N LYS A 127 -30.87 23.48 -20.50
CA LYS A 127 -30.85 23.54 -21.98
C LYS A 127 -30.08 24.69 -22.59
N GLU A 128 -30.48 25.94 -22.28
CA GLU A 128 -29.85 27.07 -22.92
C GLU A 128 -28.37 27.22 -22.58
N ILE A 129 -28.00 26.96 -21.33
CA ILE A 129 -26.61 27.06 -20.96
C ILE A 129 -25.76 25.96 -21.65
N HIS A 130 -26.32 24.75 -21.72
CA HIS A 130 -25.59 23.62 -22.31
C HIS A 130 -25.43 23.85 -23.80
N ASN A 131 -26.52 24.16 -24.49
CA ASN A 131 -26.48 24.28 -25.93
C ASN A 131 -25.63 25.44 -26.48
N LEU A 132 -25.35 26.44 -25.64
CA LEU A 132 -24.60 27.59 -26.12
C LEU A 132 -23.25 27.17 -26.66
N ASN A 133 -22.61 26.18 -26.02
CA ASN A 133 -21.30 25.79 -26.46
C ASN A 133 -21.25 24.35 -26.97
N ARG A 134 -22.19 23.52 -26.55
CA ARG A 134 -22.05 22.09 -26.86
C ARG A 134 -22.97 21.77 -28.00
N LYS A 135 -22.43 21.95 -29.20
CA LYS A 135 -23.19 21.82 -30.44
C LYS A 135 -22.65 20.67 -31.25
N ASP A 136 -23.52 20.07 -32.07
CA ASP A 136 -23.09 18.99 -32.99
C ASP A 136 -22.30 19.51 -34.22
N CYS A 137 -21.84 18.63 -35.11
CA CYS A 137 -20.96 19.13 -36.17
C CYS A 137 -21.69 19.97 -37.19
N CYS A 138 -23.02 19.89 -37.17
CA CYS A 138 -23.86 20.72 -38.04
C CYS A 138 -24.27 22.00 -37.34
N GLY A 139 -23.84 22.13 -36.08
CA GLY A 139 -24.10 23.32 -35.29
C GLY A 139 -25.41 23.28 -34.54
N LEU A 140 -26.05 22.13 -34.50
CA LEU A 140 -27.34 22.00 -33.84
C LEU A 140 -27.23 21.59 -32.36
N ASP A 141 -28.37 21.49 -31.68
CA ASP A 141 -28.36 21.34 -30.22
C ASP A 141 -28.11 19.90 -29.79
N THR A 142 -27.59 19.72 -28.57
CA THR A 142 -27.32 18.38 -28.08
C THR A 142 -27.94 18.08 -26.72
N PHE A 143 -28.45 19.09 -26.03
CA PHE A 143 -28.89 18.89 -24.65
C PHE A 143 -29.93 17.76 -24.46
N SER A 144 -30.87 17.63 -25.38
CA SER A 144 -31.89 16.59 -25.16
C SER A 144 -31.28 15.17 -25.22
N LYS A 145 -30.27 15.00 -26.05
CA LYS A 145 -29.60 13.70 -26.21
C LYS A 145 -28.81 13.39 -24.93
N VAL A 146 -28.23 14.42 -24.33
CA VAL A 146 -27.48 14.18 -23.08
C VAL A 146 -28.45 13.84 -21.96
N GLU A 147 -29.58 14.56 -21.88
CA GLU A 147 -30.62 14.21 -20.89
C GLU A 147 -31.12 12.76 -21.06
N ARG A 148 -31.27 12.37 -22.31
CA ARG A 148 -31.66 11.02 -22.65
C ARG A 148 -30.65 10.01 -22.07
N ALA A 149 -29.37 10.32 -22.22
CA ALA A 149 -28.34 9.42 -21.68
C ALA A 149 -28.45 9.35 -20.15
N ALA A 150 -28.64 10.50 -19.50
CA ALA A 150 -28.75 10.49 -18.04
C ALA A 150 -29.97 9.66 -17.59
N GLU A 151 -31.07 9.73 -18.33
CA GLU A 151 -32.27 8.98 -17.94
C GLU A 151 -32.02 7.48 -18.09
N LEU A 152 -31.32 7.10 -19.15
CA LEU A 152 -30.92 5.69 -19.34
C LEU A 152 -30.00 5.23 -18.22
N PHE A 153 -29.08 6.09 -17.82
CA PHE A 153 -28.17 5.71 -16.74
C PHE A 153 -28.95 5.48 -15.43
N LYS A 154 -29.92 6.35 -15.16
CA LYS A 154 -30.80 6.15 -14.01
C LYS A 154 -31.61 4.86 -14.12
N LYS A 155 -32.19 4.60 -15.29
CA LYS A 155 -33.05 3.41 -15.46
C LYS A 155 -32.26 2.11 -15.28
N TYR A 156 -31.01 2.10 -15.72
CA TYR A 156 -30.19 0.88 -15.69
C TYR A 156 -29.17 0.85 -14.55
N LYS A 157 -29.26 1.83 -13.67
CA LYS A 157 -28.44 1.89 -12.47
C LYS A 157 -26.94 1.92 -12.80
N VAL A 158 -26.58 2.72 -13.79
CA VAL A 158 -25.19 3.01 -14.11
C VAL A 158 -24.70 4.09 -13.17
N GLU A 159 -23.53 3.90 -12.56
CA GLU A 159 -22.94 4.92 -11.68
C GLU A 159 -22.34 6.03 -12.51
N PHE A 160 -22.76 7.27 -12.27
CA PHE A 160 -22.21 8.33 -13.11
C PHE A 160 -21.99 9.64 -12.36
N ASN A 161 -21.01 10.41 -12.83
CA ASN A 161 -20.78 11.79 -12.35
C ASN A 161 -21.14 12.72 -13.50
N ILE A 162 -21.49 13.96 -13.18
CA ILE A 162 -21.72 14.96 -14.21
C ILE A 162 -20.44 15.80 -14.29
N LEU A 163 -19.97 16.01 -15.52
CA LEU A 163 -18.80 16.85 -15.78
C LEU A 163 -19.31 18.11 -16.46
N CYS A 164 -19.19 19.25 -15.76
CA CYS A 164 -19.69 20.53 -16.26
C CYS A 164 -18.54 21.50 -16.45
N VAL A 165 -18.35 22.03 -17.67
CA VAL A 165 -17.28 23.00 -17.94
C VAL A 165 -17.75 24.38 -17.45
N VAL A 166 -16.86 25.08 -16.75
CA VAL A 166 -17.22 26.37 -16.17
C VAL A 166 -16.71 27.44 -17.12
N THR A 167 -17.64 28.05 -17.85
CA THR A 167 -17.34 29.13 -18.79
C THR A 167 -17.75 30.43 -18.14
N SER A 168 -17.51 31.55 -18.82
CA SER A 168 -17.92 32.83 -18.22
C SER A 168 -19.43 32.85 -18.01
N ASN A 169 -20.17 32.16 -18.88
CA ASN A 169 -21.61 32.06 -18.75
C ASN A 169 -22.03 31.28 -17.52
N THR A 170 -21.34 30.18 -17.24
CA THR A 170 -21.61 29.40 -16.03
C THR A 170 -21.46 30.30 -14.80
N ALA A 171 -20.39 31.07 -14.78
CA ALA A 171 -20.12 31.93 -13.64
C ALA A 171 -21.21 32.98 -13.40
N ARG A 172 -21.89 33.40 -14.47
CA ARG A 172 -22.93 34.43 -14.36
C ARG A 172 -24.27 33.85 -13.94
N HIS A 173 -24.37 32.52 -13.96
CA HIS A 173 -25.63 31.84 -13.72
C HIS A 173 -25.52 30.58 -12.86
N VAL A 174 -24.77 30.68 -11.77
CA VAL A 174 -24.60 29.53 -10.88
C VAL A 174 -25.95 29.04 -10.37
N ASN A 175 -26.85 29.98 -10.04
CA ASN A 175 -28.14 29.58 -9.57
C ASN A 175 -28.89 28.64 -10.52
N LYS A 176 -28.93 28.98 -11.81
CA LYS A 176 -29.64 28.15 -12.79
C LYS A 176 -28.99 26.77 -12.96
N VAL A 177 -27.67 26.74 -12.96
CA VAL A 177 -26.92 25.48 -13.12
C VAL A 177 -27.09 24.58 -11.89
N TYR A 178 -26.89 25.14 -10.70
CA TYR A 178 -26.99 24.36 -9.49
C TYR A 178 -28.42 23.88 -9.33
N LYS A 179 -29.40 24.75 -9.62
CA LYS A 179 -30.79 24.32 -9.46
C LYS A 179 -31.20 23.23 -10.43
N TYR A 180 -30.71 23.30 -11.66
CA TYR A 180 -30.99 22.27 -12.65
C TYR A 180 -30.45 20.92 -12.19
N PHE A 181 -29.20 20.89 -11.73
CA PHE A 181 -28.61 19.60 -11.34
C PHE A 181 -29.33 19.04 -10.11
N LYS A 182 -29.78 19.93 -9.24
CA LYS A 182 -30.52 19.54 -8.06
C LYS A 182 -31.86 18.91 -8.44
N GLU A 183 -32.59 19.53 -9.39
CA GLU A 183 -33.87 19.03 -9.86
C GLU A 183 -33.72 17.65 -10.47
N LYS A 184 -32.59 17.41 -11.12
CA LYS A 184 -32.36 16.12 -11.77
C LYS A 184 -31.82 15.03 -10.84
N ASP A 185 -31.55 15.44 -9.60
CA ASP A 185 -31.02 14.58 -8.56
C ASP A 185 -29.66 14.06 -8.95
N PHE A 186 -28.88 14.93 -9.60
CA PHE A 186 -27.47 14.61 -9.89
C PHE A 186 -26.67 15.02 -8.67
N LYS A 187 -26.22 14.05 -7.90
CA LYS A 187 -25.55 14.40 -6.65
C LYS A 187 -24.03 14.25 -6.66
N PHE A 188 -23.45 13.90 -7.81
CA PHE A 188 -21.99 13.82 -7.95
C PHE A 188 -21.58 14.72 -9.09
N LEU A 189 -20.99 15.87 -8.76
CA LEU A 189 -20.72 16.91 -9.74
C LEU A 189 -19.25 17.22 -9.79
N GLN A 190 -18.75 17.46 -10.99
CA GLN A 190 -17.38 17.92 -11.18
C GLN A 190 -17.39 19.12 -12.08
N PHE A 191 -16.87 20.22 -11.59
CA PHE A 191 -16.80 21.46 -12.37
C PHE A 191 -15.39 21.66 -12.85
N ILE A 192 -15.25 21.74 -14.16
CA ILE A 192 -13.97 21.81 -14.81
C ILE A 192 -13.74 23.21 -15.35
N ASN A 193 -12.71 23.90 -14.88
CA ASN A 193 -12.48 25.26 -15.39
C ASN A 193 -12.22 25.24 -16.88
N CYS A 194 -12.89 26.12 -17.62
CA CYS A 194 -12.68 26.16 -19.05
C CYS A 194 -11.25 26.66 -19.34
N LEU A 195 -10.48 25.86 -20.05
CA LEU A 195 -9.13 26.22 -20.40
C LEU A 195 -9.08 26.84 -21.79
N ASP A 196 -8.33 27.91 -21.94
CA ASP A 196 -8.07 28.46 -23.25
C ASP A 196 -7.02 27.56 -23.90
N PRO A 197 -6.92 27.59 -25.22
CA PRO A 197 -5.95 26.69 -25.85
C PRO A 197 -4.53 26.92 -25.35
N LEU A 198 -3.79 25.83 -25.16
CA LEU A 198 -2.46 25.91 -24.58
C LEU A 198 -1.56 26.92 -25.30
N TYR A 199 -0.96 27.79 -24.51
CA TYR A 199 0.02 28.79 -24.94
C TYR A 199 -0.56 30.01 -25.67
N GLU A 200 -1.86 30.01 -25.91
CA GLU A 200 -2.52 31.23 -26.38
C GLU A 200 -2.63 32.24 -25.26
N GLU A 201 -2.81 33.51 -25.62
CA GLU A 201 -3.06 34.50 -24.60
C GLU A 201 -4.41 34.18 -23.97
N LYS A 202 -4.47 34.15 -22.64
CA LYS A 202 -5.69 33.75 -21.97
C LYS A 202 -6.76 34.84 -21.92
N GLY A 203 -8.02 34.44 -21.93
CA GLY A 203 -9.14 35.34 -21.70
C GLY A 203 -9.71 36.05 -22.90
N LYS A 204 -9.45 35.53 -24.10
CA LYS A 204 -9.82 36.21 -25.35
C LYS A 204 -11.08 35.72 -26.06
N TYR A 205 -11.67 34.62 -25.60
CA TYR A 205 -12.88 34.11 -26.26
C TYR A 205 -14.09 34.52 -25.43
N ASN A 206 -15.30 34.49 -26.01
CA ASN A 206 -16.44 34.91 -25.20
C ASN A 206 -16.75 33.92 -24.07
N TYR A 207 -16.36 32.66 -24.28
CA TYR A 207 -16.58 31.65 -23.24
C TYR A 207 -15.50 31.67 -22.17
N SER A 208 -14.38 32.37 -22.41
CA SER A 208 -13.22 32.28 -21.51
C SER A 208 -13.57 32.61 -20.06
N LEU A 209 -13.07 31.77 -19.16
CA LEU A 209 -13.31 31.96 -17.74
C LEU A 209 -12.17 32.79 -17.21
N LYS A 210 -12.42 34.07 -17.00
CA LYS A 210 -11.40 34.95 -16.44
C LYS A 210 -11.37 34.81 -14.91
N PRO A 211 -10.25 35.16 -14.28
CA PRO A 211 -10.16 34.99 -12.82
C PRO A 211 -11.31 35.64 -12.03
N LYS A 212 -11.70 36.86 -12.40
N LYS A 212 -11.71 36.86 -12.40
CA LYS A 212 -12.78 37.52 -11.70
CA LYS A 212 -12.79 37.50 -11.65
C LYS A 212 -14.12 36.76 -11.81
C LYS A 212 -14.14 36.77 -11.81
N ASP A 213 -14.34 36.14 -12.96
CA ASP A 213 -15.53 35.30 -13.18
C ASP A 213 -15.47 34.05 -12.26
N TYR A 214 -14.27 33.45 -12.16
CA TYR A 214 -14.10 32.21 -11.42
C TYR A 214 -14.27 32.46 -9.90
N THR A 215 -13.84 33.62 -9.42
CA THR A 215 -14.08 34.00 -8.02
C THR A 215 -15.59 34.03 -7.71
N LYS A 216 -16.34 34.66 -8.60
CA LYS A 216 -17.77 34.79 -8.45
C LYS A 216 -18.42 33.42 -8.47
N PHE A 217 -17.97 32.59 -9.42
CA PHE A 217 -18.45 31.21 -9.51
C PHE A 217 -18.23 30.43 -8.22
N LEU A 218 -17.02 30.47 -7.70
CA LEU A 218 -16.65 29.64 -6.56
C LEU A 218 -17.46 30.05 -5.37
N LYS A 219 -17.60 31.37 -5.18
CA LYS A 219 -18.28 31.84 -4.00
C LYS A 219 -19.76 31.47 -4.04
N ASN A 220 -20.40 31.68 -5.19
CA ASN A 220 -21.82 31.34 -5.32
C ASN A 220 -22.07 29.84 -5.20
N LEU A 221 -21.22 29.05 -5.85
CA LEU A 221 -21.43 27.61 -5.82
C LEU A 221 -21.28 27.11 -4.39
N PHE A 222 -20.26 27.61 -3.70
CA PHE A 222 -20.08 27.24 -2.30
C PHE A 222 -21.31 27.55 -1.44
N ASP A 223 -21.90 28.73 -1.63
CA ASP A 223 -23.08 29.06 -0.83
C ASP A 223 -24.22 28.12 -1.04
N PHE A 224 -24.44 27.71 -2.30
CA PHE A 224 -25.50 26.76 -2.59
C PHE A 224 -25.20 25.39 -1.96
N TRP A 225 -23.94 24.97 -2.06
CA TRP A 225 -23.51 23.67 -1.57
C TRP A 225 -23.61 23.64 -0.05
N TYR A 226 -23.15 24.71 0.58
CA TYR A 226 -23.16 24.75 2.04
C TYR A 226 -24.60 24.76 2.58
N GLU A 227 -25.45 25.52 1.93
CA GLU A 227 -26.86 25.57 2.31
C GLU A 227 -27.49 24.19 2.28
N ASP A 228 -27.24 23.45 1.21
CA ASP A 228 -27.71 22.08 1.13
C ASP A 228 -27.13 21.22 2.25
N PHE A 229 -25.84 21.36 2.51
CA PHE A 229 -25.20 20.65 3.60
C PHE A 229 -25.92 20.86 4.95
N LEU A 230 -26.24 22.11 5.26
CA LEU A 230 -26.91 22.45 6.53
C LEU A 230 -28.27 21.78 6.60
N ASN A 231 -28.91 21.62 5.44
CA ASN A 231 -30.24 21.03 5.38
C ASN A 231 -30.24 19.51 5.22
N GLY A 232 -29.08 18.89 5.35
CA GLY A 232 -28.98 17.44 5.23
C GLY A 232 -29.07 16.87 3.82
N ASN A 233 -28.96 17.74 2.81
CA ASN A 233 -28.84 17.24 1.45
C ASN A 233 -27.36 17.19 1.07
N ARG A 234 -26.81 15.98 0.95
CA ARG A 234 -25.40 15.85 0.58
C ARG A 234 -25.23 15.90 -0.93
N VAL A 235 -24.47 16.86 -1.41
CA VAL A 235 -24.12 16.93 -2.82
C VAL A 235 -22.62 16.88 -2.87
N SER A 236 -22.07 15.96 -3.65
CA SER A 236 -20.63 15.84 -3.74
C SER A 236 -20.13 16.70 -4.88
N ILE A 237 -19.33 17.70 -4.55
CA ILE A 237 -18.70 18.55 -5.54
C ILE A 237 -17.22 18.29 -5.44
N ARG A 238 -16.62 17.78 -6.50
CA ARG A 238 -15.25 17.23 -6.45
C ARG A 238 -14.19 18.16 -5.84
N TYR A 239 -14.19 19.42 -6.23
CA TYR A 239 -13.23 20.37 -5.66
C TYR A 239 -13.41 20.57 -4.14
N PHE A 240 -14.66 20.71 -3.67
CA PHE A 240 -14.92 21.01 -2.26
C PHE A 240 -14.58 19.77 -1.44
N ASP A 241 -14.84 18.62 -2.03
CA ASP A 241 -14.48 17.38 -1.38
C ASP A 241 -12.95 17.21 -1.33
N GLY A 242 -12.27 17.61 -2.38
CA GLY A 242 -10.82 17.57 -2.38
C GLY A 242 -10.24 18.52 -1.34
N LEU A 243 -10.90 19.65 -1.12
CA LEU A 243 -10.45 20.58 -0.07
C LEU A 243 -10.60 19.92 1.29
N LEU A 244 -11.77 19.34 1.54
CA LEU A 244 -12.02 18.62 2.78
C LEU A 244 -11.00 17.49 3.02
N GLU A 245 -10.70 16.70 1.99
CA GLU A 245 -9.71 15.62 2.14
C GLU A 245 -8.26 16.13 2.33
N THR A 246 -7.96 17.28 1.76
CA THR A 246 -6.65 17.91 1.99
C THR A 246 -6.59 18.38 3.43
N ILE A 247 -7.71 18.90 3.91
CA ILE A 247 -7.79 19.39 5.27
C ILE A 247 -7.61 18.25 6.28
N LEU A 248 -8.16 17.09 5.96
CA LEU A 248 -8.19 15.96 6.91
C LEU A 248 -7.08 14.94 6.73
N LEU A 249 -6.58 14.80 5.50
CA LEU A 249 -5.60 13.75 5.19
C LEU A 249 -4.23 14.27 4.74
N GLY A 250 -4.16 15.57 4.43
CA GLY A 250 -2.93 16.18 3.97
C GLY A 250 -2.65 16.00 2.48
N LYS A 251 -3.41 15.13 1.83
CA LYS A 251 -3.24 14.94 0.39
C LYS A 251 -4.61 14.79 -0.25
N SER A 252 -4.67 14.94 -1.57
CA SER A 252 -5.91 14.73 -2.31
C SER A 252 -5.78 13.60 -3.33
N SER A 253 -6.92 13.01 -3.69
CA SER A 253 -6.97 11.96 -4.69
C SER A 253 -7.02 12.54 -6.12
N SER A 254 -7.28 13.84 -6.23
CA SER A 254 -7.33 14.50 -7.55
C SER A 254 -5.99 15.05 -8.04
N CYS A 255 -5.59 14.64 -9.23
CA CYS A 255 -4.41 15.22 -9.85
C CYS A 255 -4.66 16.73 -10.04
N GLY A 256 -3.70 17.55 -9.65
CA GLY A 256 -3.85 18.99 -9.74
C GLY A 256 -4.13 19.64 -8.39
N MET A 257 -4.34 18.83 -7.37
CA MET A 257 -4.55 19.41 -6.03
C MET A 257 -3.40 19.14 -5.08
N ASN A 258 -2.36 18.46 -5.56
CA ASN A 258 -1.28 18.06 -4.67
C ASN A 258 0.02 18.81 -4.92
N GLY A 259 -0.02 19.80 -5.80
CA GLY A 259 1.13 20.64 -6.02
C GLY A 259 2.03 20.25 -7.17
N THR A 260 2.07 18.95 -7.51
CA THR A 260 3.01 18.44 -8.50
C THR A 260 2.32 17.48 -9.45
N CYS A 261 2.94 17.22 -10.60
CA CYS A 261 2.33 16.35 -11.61
C CYS A 261 2.59 14.87 -11.37
N THR A 262 1.79 14.05 -12.05
CA THR A 262 1.93 12.60 -11.98
C THR A 262 1.89 12.13 -13.43
N CYS A 263 2.45 10.96 -13.71
CA CYS A 263 2.32 10.40 -15.06
C CYS A 263 0.98 9.67 -15.13
N GLN A 264 0.07 10.20 -15.96
CA GLN A 264 -1.28 9.68 -16.11
C GLN A 264 -1.38 8.51 -17.10
N PHE A 265 -0.30 8.25 -17.83
CA PHE A 265 -0.27 7.17 -18.81
C PHE A 265 -1.45 7.30 -19.77
N VAL A 266 -1.46 8.42 -20.50
CA VAL A 266 -2.43 8.61 -21.57
C VAL A 266 -2.00 7.81 -22.78
N VAL A 267 -2.89 6.97 -23.30
CA VAL A 267 -2.58 6.12 -24.43
C VAL A 267 -3.46 6.48 -25.64
N GLU A 268 -2.84 7.00 -26.69
CA GLU A 268 -3.54 7.21 -27.95
C GLU A 268 -3.84 5.92 -28.71
N SER A 269 -4.67 6.01 -29.74
CA SER A 269 -5.20 4.81 -30.35
C SER A 269 -4.12 4.02 -31.10
N ASP A 270 -3.03 4.68 -31.48
CA ASP A 270 -1.86 3.98 -32.04
C ASP A 270 -0.95 3.33 -30.98
N GLY A 271 -1.29 3.51 -29.70
CA GLY A 271 -0.47 3.01 -28.61
C GLY A 271 0.60 3.97 -28.10
N SER A 272 0.68 5.17 -28.67
CA SER A 272 1.61 6.15 -28.14
C SER A 272 1.17 6.63 -26.76
N VAL A 273 2.15 6.91 -25.90
CA VAL A 273 1.91 7.25 -24.49
C VAL A 273 2.38 8.66 -24.14
N TYR A 274 1.60 9.34 -23.30
CA TYR A 274 1.83 10.73 -22.88
C TYR A 274 1.61 10.84 -21.37
N PRO A 275 2.19 11.88 -20.75
CA PRO A 275 2.11 11.95 -19.29
C PRO A 275 0.84 12.58 -18.75
N CYS A 276 0.13 13.38 -19.55
CA CYS A 276 -1.08 14.03 -19.06
C CYS A 276 -1.98 14.33 -20.22
N ASP A 277 -3.29 14.27 -19.99
CA ASP A 277 -4.20 14.48 -21.13
C ASP A 277 -4.23 15.90 -21.68
N PHE A 278 -3.68 16.85 -20.91
CA PHE A 278 -3.54 18.22 -21.40
C PHE A 278 -2.31 18.34 -22.30
N TYR A 279 -1.48 17.30 -22.34
CA TYR A 279 -0.16 17.36 -22.98
C TYR A 279 0.06 16.24 -23.98
N VAL A 280 -0.96 15.94 -24.78
CA VAL A 280 -0.83 14.93 -25.82
C VAL A 280 -0.22 15.65 -27.03
N LEU A 281 1.09 15.84 -26.96
CA LEU A 281 1.90 16.58 -27.93
C LEU A 281 3.16 15.77 -28.22
N ASP A 282 3.74 15.95 -29.42
CA ASP A 282 4.87 15.12 -29.86
C ASP A 282 6.08 15.23 -28.95
N LYS A 283 6.30 16.41 -28.37
CA LYS A 283 7.46 16.59 -27.51
C LYS A 283 7.30 15.95 -26.14
N TRP A 284 6.09 15.52 -25.80
CA TRP A 284 5.86 14.77 -24.58
C TRP A 284 5.48 13.32 -24.86
N ARG A 285 5.73 12.87 -26.08
CA ARG A 285 5.45 11.48 -26.44
C ARG A 285 6.51 10.55 -25.84
N LEU A 286 6.09 9.71 -24.89
CA LEU A 286 7.00 8.87 -24.12
C LEU A 286 7.50 7.64 -24.89
N GLY A 287 6.71 7.14 -25.82
CA GLY A 287 7.02 5.89 -26.50
C GLY A 287 5.74 5.15 -26.83
N ASN A 288 5.82 3.87 -27.15
CA ASN A 288 4.63 3.12 -27.49
C ASN A 288 4.44 1.95 -26.54
N ILE A 289 3.21 1.73 -26.11
CA ILE A 289 2.95 0.73 -25.07
C ILE A 289 3.15 -0.69 -25.62
N GLN A 290 3.22 -0.82 -26.94
CA GLN A 290 3.50 -2.13 -27.50
C GLN A 290 4.95 -2.51 -27.30
N ASP A 291 5.80 -1.50 -27.24
CA ASP A 291 7.25 -1.67 -27.34
C ASP A 291 7.94 -1.62 -25.99
N MET A 292 7.31 -0.93 -25.03
CA MET A 292 7.98 -0.59 -23.78
C MET A 292 7.14 -0.93 -22.55
N THR A 293 7.83 -1.23 -21.45
CA THR A 293 7.12 -1.53 -20.20
C THR A 293 6.66 -0.23 -19.58
N MET A 294 5.75 -0.32 -18.63
CA MET A 294 5.28 0.89 -18.00
C MET A 294 6.42 1.56 -17.23
N LYS A 295 7.30 0.77 -16.64
CA LYS A 295 8.48 1.31 -15.96
C LYS A 295 9.39 2.05 -16.92
N GLU A 296 9.67 1.43 -18.05
CA GLU A 296 10.50 2.07 -19.07
C GLU A 296 9.91 3.40 -19.49
N LEU A 297 8.61 3.42 -19.77
CA LEU A 297 7.93 4.69 -20.08
C LEU A 297 8.06 5.74 -18.96
N PHE A 298 7.83 5.32 -17.72
CA PHE A 298 7.92 6.26 -16.61
C PHE A 298 9.35 6.80 -16.49
N GLU A 299 10.32 5.94 -16.79
CA GLU A 299 11.75 6.25 -16.62
C GLU A 299 12.33 7.08 -17.76
N THR A 300 11.55 7.35 -18.80
CA THR A 300 12.05 8.16 -19.91
C THR A 300 12.47 9.56 -19.44
N ASN A 301 13.49 10.10 -20.11
CA ASN A 301 13.86 11.50 -19.92
C ASN A 301 12.68 12.44 -20.06
N LYS A 302 11.82 12.19 -21.05
CA LYS A 302 10.65 13.03 -21.25
C LYS A 302 9.69 13.05 -20.06
N ASN A 303 9.39 11.89 -19.49
CA ASN A 303 8.47 11.86 -18.35
C ASN A 303 9.11 12.52 -17.14
N HIS A 304 10.36 12.17 -16.90
CA HIS A 304 11.12 12.70 -15.76
C HIS A 304 11.09 14.22 -15.80
N GLU A 305 11.33 14.76 -16.99
CA GLU A 305 11.37 16.20 -17.17
C GLU A 305 9.98 16.79 -16.97
N PHE A 306 8.94 16.13 -17.50
CA PHE A 306 7.58 16.66 -17.38
C PHE A 306 7.23 16.83 -15.89
N ILE A 307 7.52 15.80 -15.11
CA ILE A 307 7.20 15.82 -13.69
C ILE A 307 8.09 16.81 -12.93
N LYS A 308 9.38 16.80 -13.26
CA LYS A 308 10.32 17.72 -12.61
C LYS A 308 9.95 19.19 -12.74
N LEU A 309 9.45 19.59 -13.91
CA LEU A 309 9.04 20.98 -14.15
C LEU A 309 8.00 21.49 -13.15
N SER A 310 7.15 20.59 -12.67
CA SER A 310 6.03 20.99 -11.82
C SER A 310 6.41 21.15 -10.36
N PHE A 311 7.63 20.78 -10.01
CA PHE A 311 8.06 20.82 -8.60
C PHE A 311 8.47 22.23 -8.18
N LYS A 312 8.70 23.09 -9.16
CA LYS A 312 9.03 24.49 -8.87
C LYS A 312 7.87 25.15 -8.13
N VAL A 313 8.16 25.73 -6.97
CA VAL A 313 7.13 26.44 -6.21
C VAL A 313 7.30 27.94 -6.39
N HIS A 314 6.26 28.60 -6.87
CA HIS A 314 6.34 30.03 -7.12
C HIS A 314 6.64 30.73 -5.79
N GLU A 315 7.36 31.85 -5.86
CA GLU A 315 7.82 32.52 -4.66
C GLU A 315 6.65 32.97 -3.81
N GLU A 316 5.59 33.46 -4.45
CA GLU A 316 4.40 33.93 -3.75
CA GLU A 316 4.45 33.93 -3.68
C GLU A 316 3.70 32.78 -2.99
N CYS A 317 3.77 31.57 -3.56
CA CYS A 317 3.15 30.42 -2.92
C CYS A 317 3.88 30.06 -1.62
N LYS A 318 5.21 30.16 -1.63
CA LYS A 318 6.00 29.76 -0.48
C LYS A 318 5.59 30.51 0.79
N LYS A 319 5.11 31.74 0.60
CA LYS A 319 4.73 32.64 1.69
C LYS A 319 3.21 32.72 1.91
N CYS A 320 2.45 32.03 1.06
CA CYS A 320 1.00 32.12 1.10
C CYS A 320 0.36 31.36 2.28
N LYS A 321 -0.56 32.01 2.97
CA LYS A 321 -1.29 31.40 4.10
C LYS A 321 -2.09 30.17 3.66
N TRP A 322 -2.42 30.10 2.37
CA TRP A 322 -3.27 29.02 1.87
C TRP A 322 -2.46 27.92 1.22
N PHE A 323 -1.13 28.00 1.30
CA PHE A 323 -0.29 27.08 0.54
C PHE A 323 -0.62 25.60 0.83
N ARG A 324 -0.80 25.25 2.10
CA ARG A 324 -1.09 23.87 2.48
C ARG A 324 -2.43 23.37 1.94
N LEU A 325 -3.28 24.30 1.56
CA LEU A 325 -4.61 23.98 1.07
C LEU A 325 -4.60 23.87 -0.45
N CYS A 326 -3.89 24.80 -1.10
CA CYS A 326 -3.93 24.99 -2.55
C CYS A 326 -2.74 24.36 -3.29
N LYS A 327 -1.55 24.55 -2.73
CA LYS A 327 -0.31 23.91 -3.21
C LYS A 327 0.13 24.40 -4.59
N GLY A 328 -0.48 25.47 -5.06
CA GLY A 328 -0.07 26.08 -6.31
C GLY A 328 -1.01 25.73 -7.45
N GLY A 329 -1.91 24.78 -7.22
CA GLY A 329 -2.82 24.36 -8.27
C GLY A 329 -2.20 23.46 -9.34
N CYS A 330 -2.97 23.23 -10.40
CA CYS A 330 -2.56 22.35 -11.50
C CYS A 330 -1.53 23.05 -12.42
N ARG A 331 -0.47 22.35 -12.76
CA ARG A 331 0.55 22.79 -13.63
C ARG A 331 0.01 23.41 -14.93
N ARG A 332 -1.07 22.86 -15.49
CA ARG A 332 -1.64 23.35 -16.75
C ARG A 332 -2.12 24.79 -16.62
N CYS A 333 -2.48 25.19 -15.40
CA CYS A 333 -2.93 26.54 -15.12
C CYS A 333 -1.78 27.48 -14.80
N ARG A 334 -0.57 26.94 -14.84
CA ARG A 334 0.66 27.72 -14.58
C ARG A 334 1.53 27.82 -15.83
N ASP A 335 1.18 27.03 -16.85
CA ASP A 335 2.02 26.89 -18.05
C ASP A 335 1.63 27.92 -19.09
N SER A 336 2.27 29.08 -19.02
CA SER A 336 1.88 30.22 -19.85
C SER A 336 2.51 30.24 -21.24
N LYS A 337 3.79 29.88 -21.32
CA LYS A 337 4.53 29.98 -22.58
C LYS A 337 5.29 28.69 -22.86
N GLU A 338 5.44 28.37 -24.14
CA GLU A 338 6.24 27.24 -24.60
C GLU A 338 7.63 27.27 -23.98
N ASP A 339 8.10 26.10 -23.53
CA ASP A 339 9.46 25.90 -23.02
C ASP A 339 9.95 26.95 -22.04
N SER A 340 9.10 27.34 -21.11
CA SER A 340 9.42 28.39 -20.17
C SER A 340 9.11 27.90 -18.77
N ALA A 341 9.66 28.56 -17.75
CA ALA A 341 9.36 28.16 -16.39
C ALA A 341 7.90 28.49 -16.07
N LEU A 342 7.30 27.69 -15.19
CA LEU A 342 5.91 27.90 -14.83
C LEU A 342 5.73 29.22 -14.12
N GLU A 343 4.57 29.83 -14.30
CA GLU A 343 4.28 31.07 -13.59
C GLU A 343 3.32 30.81 -12.44
N LEU A 344 2.85 31.85 -11.84
CA LEU A 344 1.87 31.76 -10.83
C LEU A 344 0.59 31.22 -11.42
N ASN A 345 -0.13 30.41 -10.67
CA ASN A 345 -1.41 29.92 -11.16
C ASN A 345 -2.30 31.07 -11.66
N TYR A 346 -2.88 30.89 -12.84
CA TYR A 346 -3.77 31.89 -13.44
C TYR A 346 -4.89 32.33 -12.53
N TYR A 347 -5.32 31.40 -11.67
CA TYR A 347 -6.48 31.62 -10.82
C TYR A 347 -6.10 31.93 -9.37
N CYS A 348 -4.81 32.14 -9.12
CA CYS A 348 -4.33 32.46 -7.76
C CYS A 348 -5.26 33.42 -7.01
N GLN A 349 -5.54 34.55 -7.62
CA GLN A 349 -6.38 35.56 -6.94
C GLN A 349 -7.76 35.02 -6.59
N SER A 350 -8.32 34.20 -7.49
CA SER A 350 -9.63 33.60 -7.25
C SER A 350 -9.58 32.69 -6.04
N TYR A 351 -8.53 31.88 -5.92
CA TYR A 351 -8.42 30.95 -4.81
C TYR A 351 -8.31 31.74 -3.51
N LYS A 352 -7.49 32.79 -3.52
CA LYS A 352 -7.31 33.58 -2.30
C LYS A 352 -8.63 34.18 -1.82
N GLU A 353 -9.38 34.76 -2.74
CA GLU A 353 -10.64 35.41 -2.35
C GLU A 353 -11.67 34.35 -1.94
N PHE A 354 -11.72 33.23 -2.67
CA PHE A 354 -12.63 32.17 -2.29
C PHE A 354 -12.34 31.61 -0.90
N PHE A 355 -11.06 31.37 -0.61
CA PHE A 355 -10.65 30.83 0.68
C PHE A 355 -11.00 31.79 1.83
N GLU A 356 -10.86 33.09 1.61
CA GLU A 356 -11.18 34.01 2.69
C GLU A 356 -12.67 33.94 2.96
N TYR A 357 -13.44 33.65 1.91
CA TYR A 357 -14.89 33.59 1.99
C TYR A 357 -15.41 32.31 2.55
N ALA A 358 -14.75 31.19 2.24
CA ALA A 358 -15.29 29.87 2.49
C ALA A 358 -14.57 29.09 3.58
N PHE A 359 -13.32 29.42 3.86
CA PHE A 359 -12.54 28.66 4.82
C PHE A 359 -13.22 28.48 6.17
N PRO A 360 -13.82 29.57 6.74
CA PRO A 360 -14.48 29.34 8.04
C PRO A 360 -15.49 28.18 8.00
N ARG A 361 -16.37 28.16 6.99
CA ARG A 361 -17.35 27.07 6.85
C ARG A 361 -16.79 25.71 6.41
N LEU A 362 -15.67 25.71 5.69
CA LEU A 362 -15.09 24.45 5.24
C LEU A 362 -14.68 23.55 6.40
N ILE A 363 -14.12 24.17 7.42
CA ILE A 363 -13.75 23.45 8.63
C ILE A 363 -14.94 22.71 9.28
N ASN A 364 -16.05 23.43 9.44
CA ASN A 364 -17.26 22.85 10.01
C ASN A 364 -17.61 21.53 9.36
N VAL A 365 -17.64 21.53 8.03
CA VAL A 365 -17.92 20.29 7.33
C VAL A 365 -16.80 19.27 7.57
N ALA A 366 -15.56 19.75 7.69
CA ALA A 366 -14.42 18.86 7.95
C ALA A 366 -14.55 18.22 9.32
N ASN A 367 -15.04 18.99 10.29
CA ASN A 367 -15.32 18.47 11.62
C ASN A 367 -16.49 17.51 11.65
N ASN A 368 -17.48 17.77 10.82
CA ASN A 368 -18.61 16.87 10.63
C ASN A 368 -18.09 15.49 10.18
N ILE A 369 -17.39 15.46 9.05
CA ILE A 369 -16.79 14.23 8.58
C ILE A 369 -15.56 13.85 9.42
N VAL A 378 -17.76 11.09 8.02
CA VAL A 378 -16.37 10.77 7.71
C VAL A 378 -16.26 9.74 6.58
N ASP A 379 -16.72 8.52 6.87
CA ASP A 379 -16.78 7.45 5.87
C ASP A 379 -17.52 7.91 4.62
N LYS A 380 -18.56 8.71 4.83
CA LYS A 380 -19.36 9.26 3.72
C LYS A 380 -18.54 10.19 2.81
N LEU A 381 -17.64 10.98 3.39
CA LEU A 381 -16.79 11.89 2.62
C LEU A 381 -15.75 11.11 1.79
N ALA A 382 -15.15 10.09 2.39
CA ALA A 382 -14.17 9.27 1.69
C ALA A 382 -14.83 8.53 0.52
N ALA A 383 -16.04 8.06 0.76
CA ALA A 383 -16.80 7.29 -0.23
C ALA A 383 -17.20 8.18 -1.42
N ALA A 384 -17.63 9.40 -1.11
CA ALA A 384 -18.01 10.35 -2.17
C ALA A 384 -16.78 10.73 -3.00
N LEU A 385 -15.67 10.98 -2.31
CA LEU A 385 -14.44 11.32 -3.00
C LEU A 385 -14.00 10.19 -3.91
N GLU A 386 -14.18 8.94 -3.44
CA GLU A 386 -13.82 7.81 -4.28
C GLU A 386 -14.70 7.74 -5.53
N HIS A 387 -15.97 8.10 -5.40
CA HIS A 387 -16.93 8.03 -6.50
C HIS A 387 -16.47 8.92 -7.65
N HIS A 388 -15.67 9.93 -7.34
CA HIS A 388 -15.18 10.81 -8.39
C HIS A 388 -14.00 10.15 -9.11
N HIS A 389 -13.47 9.08 -8.51
CA HIS A 389 -12.26 8.44 -9.05
C HIS A 389 -12.57 7.13 -9.74
N HIS A 390 -13.23 6.23 -9.03
CA HIS A 390 -13.55 4.93 -9.61
C HIS A 390 -14.79 4.30 -9.01
N HIS A 391 -15.38 3.38 -9.77
CA HIS A 391 -16.46 2.54 -9.28
C HIS A 391 -15.91 1.79 -8.08
N HIS A 392 -16.72 1.59 -7.06
CA HIS A 392 -16.20 0.91 -5.88
C HIS A 392 -15.87 -0.55 -6.20
N PRO B 2 23.46 -33.39 25.69
CA PRO B 2 22.59 -32.22 25.87
C PRO B 2 21.42 -32.33 24.92
N PRO B 3 20.26 -31.72 25.28
CA PRO B 3 19.12 -31.62 24.33
C PRO B 3 19.60 -30.80 23.15
N LEU B 4 19.03 -31.06 21.99
CA LEU B 4 19.48 -30.37 20.79
C LEU B 4 18.29 -29.63 20.23
N SER B 5 18.54 -28.42 19.75
CA SER B 5 17.52 -27.58 19.14
C SER B 5 18.03 -27.12 17.78
N LEU B 6 17.21 -27.24 16.75
CA LEU B 6 17.62 -26.81 15.42
C LEU B 6 16.58 -25.88 14.84
N LEU B 7 17.03 -24.98 13.99
CA LEU B 7 16.12 -24.06 13.25
C LEU B 7 16.32 -24.39 11.78
N ILE B 8 15.30 -24.94 11.14
CA ILE B 8 15.43 -25.51 9.79
C ILE B 8 14.70 -24.62 8.80
N LYS B 9 15.26 -24.42 7.61
CA LYS B 9 14.59 -23.67 6.54
C LYS B 9 14.26 -24.61 5.41
N PRO B 10 13.11 -25.32 5.51
CA PRO B 10 12.87 -26.40 4.54
C PRO B 10 12.59 -25.93 3.13
N ALA B 11 12.25 -24.66 2.97
CA ALA B 11 12.05 -24.07 1.63
C ALA B 11 13.03 -22.93 1.44
N SER B 12 14.08 -22.96 2.25
CA SER B 12 15.12 -21.96 2.19
C SER B 12 14.50 -20.60 2.41
N SER B 13 14.94 -19.62 1.64
CA SER B 13 14.43 -18.23 1.70
C SER B 13 13.22 -17.99 0.80
N GLY B 14 12.71 -19.03 0.12
CA GLY B 14 11.53 -18.86 -0.72
C GLY B 14 10.30 -18.37 0.04
N CYS B 15 9.54 -17.46 -0.56
CA CYS B 15 8.34 -16.93 0.09
C CYS B 15 7.32 -16.46 -0.93
N ASN B 16 6.05 -16.53 -0.56
CA ASN B 16 4.98 -16.01 -1.42
C ASN B 16 4.59 -14.56 -1.11
N LEU B 17 5.16 -13.96 -0.06
CA LEU B 17 4.89 -12.57 0.24
C LEU B 17 6.12 -11.70 -0.09
N LYS B 18 5.98 -10.39 0.04
CA LYS B 18 7.12 -9.49 -0.14
C LYS B 18 7.08 -8.39 0.93
N CYS B 19 7.09 -8.82 2.18
CA CYS B 19 6.96 -7.87 3.32
C CYS B 19 8.01 -6.79 3.20
N THR B 20 7.62 -5.52 3.38
CA THR B 20 8.48 -4.39 3.03
C THR B 20 9.79 -4.43 3.80
N TYR B 21 9.72 -4.78 5.08
CA TYR B 21 10.92 -4.81 5.92
C TYR B 21 11.70 -6.13 5.88
N CYS B 22 11.22 -7.12 5.14
CA CYS B 22 11.79 -8.44 5.33
C CYS B 22 13.07 -8.57 4.50
N PHE B 23 14.14 -8.99 5.16
CA PHE B 23 15.40 -9.22 4.47
C PHE B 23 15.65 -10.70 4.24
N TYR B 24 14.76 -11.54 4.77
CA TYR B 24 14.94 -12.99 4.73
C TYR B 24 14.52 -13.65 3.41
N HIS B 25 13.64 -13.03 2.61
CA HIS B 25 13.11 -13.72 1.42
C HIS B 25 13.91 -13.49 0.16
N SER B 26 13.84 -14.48 -0.72
CA SER B 26 14.71 -14.56 -1.89
C SER B 26 14.42 -13.54 -2.98
N LEU B 27 13.34 -12.77 -2.85
CA LEU B 27 13.06 -11.69 -3.79
C LEU B 27 13.25 -10.33 -3.11
N VAL B 33 19.50 -12.24 -1.29
CA VAL B 33 19.54 -13.52 -0.60
C VAL B 33 19.09 -14.67 -1.52
N LYS B 34 19.95 -15.67 -1.69
CA LYS B 34 19.61 -16.74 -2.61
C LYS B 34 18.89 -17.88 -1.91
N SER B 35 18.27 -18.74 -2.71
CA SER B 35 17.51 -19.85 -2.20
C SER B 35 18.29 -21.12 -2.50
N TYR B 36 18.28 -22.04 -1.55
CA TYR B 36 18.88 -23.34 -1.78
C TYR B 36 17.81 -24.33 -2.22
N GLY B 37 16.58 -23.83 -2.43
CA GLY B 37 15.46 -24.65 -2.85
C GLY B 37 14.80 -25.43 -1.72
N ILE B 38 14.08 -26.50 -2.05
CA ILE B 38 13.39 -27.29 -1.05
C ILE B 38 14.36 -28.36 -0.56
N MET B 39 14.42 -28.55 0.76
CA MET B 39 15.27 -29.59 1.31
C MET B 39 14.92 -30.98 0.76
N ARG B 40 15.92 -31.63 0.15
CA ARG B 40 15.79 -32.98 -0.42
C ARG B 40 15.53 -34.02 0.69
N ASP B 41 14.84 -35.09 0.32
CA ASP B 41 14.52 -36.14 1.31
C ASP B 41 15.79 -36.72 1.94
N GLU B 42 16.88 -36.83 1.18
CA GLU B 42 18.11 -37.44 1.71
C GLU B 42 18.72 -36.57 2.80
N VAL B 43 18.60 -35.26 2.61
CA VAL B 43 19.12 -34.32 3.60
C VAL B 43 18.25 -34.34 4.85
N LEU B 44 16.93 -34.30 4.65
CA LEU B 44 15.97 -34.38 5.77
C LEU B 44 16.24 -35.61 6.62
N GLU B 45 16.37 -36.76 5.97
CA GLU B 45 16.51 -38.02 6.71
C GLU B 45 17.82 -38.03 7.46
N SER B 46 18.87 -37.57 6.81
CA SER B 46 20.17 -37.49 7.48
C SER B 46 20.09 -36.64 8.73
N MET B 47 19.47 -35.47 8.60
CA MET B 47 19.32 -34.57 9.74
C MET B 47 18.53 -35.18 10.91
N VAL B 48 17.37 -35.74 10.60
CA VAL B 48 16.48 -36.28 11.62
C VAL B 48 17.20 -37.46 12.29
N LYS B 49 17.83 -38.30 11.50
CA LYS B 49 18.53 -39.48 12.08
C LYS B 49 19.66 -39.03 13.00
N ARG B 50 20.45 -38.07 12.55
CA ARG B 50 21.55 -37.59 13.37
C ARG B 50 21.09 -36.98 14.70
N VAL B 51 20.12 -36.07 14.61
CA VAL B 51 19.63 -35.42 15.83
C VAL B 51 19.04 -36.40 16.83
N LEU B 52 18.30 -37.39 16.32
CA LEU B 52 17.63 -38.30 17.22
C LEU B 52 18.66 -39.27 17.81
N ASN B 53 19.77 -39.46 17.13
CA ASN B 53 20.86 -40.28 17.67
C ASN B 53 21.68 -39.54 18.73
N GLU B 54 21.94 -38.26 18.50
CA GLU B 54 22.94 -37.55 19.28
C GLU B 54 22.38 -36.77 20.46
N ALA B 55 21.08 -36.42 20.42
CA ALA B 55 20.50 -35.64 21.50
C ALA B 55 20.32 -36.46 22.78
N ASN B 56 20.37 -35.80 23.92
CA ASN B 56 20.00 -36.50 25.15
C ASN B 56 18.74 -35.87 25.71
N GLY B 57 17.75 -36.69 26.04
CA GLY B 57 16.56 -36.21 26.70
C GLY B 57 15.46 -35.77 25.76
N HIS B 58 15.63 -34.62 25.15
CA HIS B 58 14.66 -34.21 24.14
C HIS B 58 15.33 -33.47 22.99
N CYS B 59 14.57 -33.25 21.93
CA CYS B 59 15.07 -32.36 20.90
C CYS B 59 13.95 -31.57 20.25
N SER B 60 14.33 -30.53 19.53
CA SER B 60 13.36 -29.58 19.03
C SER B 60 13.68 -29.29 17.60
N PHE B 61 12.67 -29.40 16.74
CA PHE B 61 12.83 -29.03 15.34
C PHE B 61 11.93 -27.84 15.04
N ALA B 62 12.51 -26.70 14.70
CA ALA B 62 11.71 -25.48 14.40
C ALA B 62 11.82 -25.10 12.92
N PHE B 63 10.70 -24.99 12.22
CA PHE B 63 10.77 -24.78 10.76
C PHE B 63 10.35 -23.35 10.43
N GLN B 64 11.26 -22.65 9.76
CA GLN B 64 11.19 -21.22 9.49
C GLN B 64 11.61 -20.96 8.04
N GLY B 65 12.07 -19.76 7.72
CA GLY B 65 12.38 -19.45 6.31
C GLY B 65 12.56 -17.95 6.12
N GLY B 66 12.13 -17.39 4.99
CA GLY B 66 11.25 -18.02 4.02
C GLY B 66 9.91 -18.41 4.60
N GLU B 67 9.03 -18.92 3.75
CA GLU B 67 7.76 -19.48 4.21
C GLU B 67 7.81 -21.01 4.20
N PRO B 68 7.85 -21.65 5.39
CA PRO B 68 8.11 -23.09 5.40
C PRO B 68 6.98 -23.94 4.81
N THR B 69 5.76 -23.41 4.78
CA THR B 69 4.66 -24.15 4.22
C THR B 69 4.81 -24.27 2.71
N LEU B 70 5.72 -23.51 2.11
CA LEU B 70 6.02 -23.76 0.67
C LEU B 70 6.71 -25.11 0.41
N ALA B 71 7.32 -25.72 1.43
CA ALA B 71 7.85 -27.08 1.28
C ALA B 71 6.72 -28.07 1.01
N GLY B 72 5.51 -27.71 1.42
CA GLY B 72 4.33 -28.54 1.20
C GLY B 72 3.99 -29.52 2.31
N LEU B 73 2.73 -29.94 2.35
CA LEU B 73 2.28 -30.84 3.42
C LEU B 73 2.99 -32.17 3.38
N GLU B 74 3.27 -32.69 2.21
CA GLU B 74 3.95 -33.98 2.12
C GLU B 74 5.32 -33.99 2.77
N PHE B 75 6.04 -32.91 2.64
CA PHE B 75 7.33 -32.75 3.29
C PHE B 75 7.18 -32.97 4.78
N PHE B 76 6.14 -32.37 5.36
CA PHE B 76 5.94 -32.47 6.81
C PHE B 76 5.42 -33.86 7.23
N GLU B 77 4.67 -34.52 6.36
CA GLU B 77 4.26 -35.90 6.66
C GLU B 77 5.49 -36.80 6.63
N LYS B 78 6.41 -36.53 5.70
CA LYS B 78 7.65 -37.30 5.59
C LYS B 78 8.49 -37.11 6.83
N LEU B 79 8.57 -35.87 7.29
CA LEU B 79 9.30 -35.56 8.52
C LEU B 79 8.79 -36.42 9.67
N MET B 80 7.47 -36.54 9.80
CA MET B 80 6.89 -37.27 10.92
C MET B 80 7.19 -38.76 10.84
N GLU B 81 7.08 -39.31 9.64
CA GLU B 81 7.42 -40.72 9.41
C GLU B 81 8.87 -41.02 9.79
N LEU B 82 9.77 -40.11 9.40
CA LEU B 82 11.17 -40.23 9.72
C LEU B 82 11.40 -40.09 11.23
N GLN B 83 10.70 -39.16 11.90
CA GLN B 83 10.85 -39.10 13.35
C GLN B 83 10.45 -40.42 14.01
N ARG B 84 9.33 -41.01 13.57
CA ARG B 84 8.91 -42.31 14.10
C ARG B 84 9.90 -43.42 13.77
N LYS B 85 10.41 -43.42 12.55
CA LYS B 85 11.39 -44.43 12.15
C LYS B 85 12.69 -44.41 13.00
N HIS B 86 13.24 -43.22 13.24
CA HIS B 86 14.59 -43.10 13.78
C HIS B 86 14.68 -42.66 15.23
N ASN B 87 13.57 -42.62 15.96
CA ASN B 87 13.63 -42.24 17.38
C ASN B 87 14.01 -43.47 18.23
N TYR B 88 15.20 -43.99 18.00
CA TYR B 88 15.58 -45.27 18.64
C TYR B 88 15.66 -45.15 20.15
N LYS B 89 15.89 -43.94 20.64
CA LYS B 89 16.08 -43.76 22.10
C LYS B 89 14.80 -43.24 22.74
N ASN B 90 13.72 -43.17 21.97
CA ASN B 90 12.45 -42.68 22.48
C ASN B 90 12.53 -41.34 23.21
N LEU B 91 13.22 -40.40 22.56
CA LEU B 91 13.28 -39.02 22.99
C LEU B 91 11.95 -38.34 22.82
N LYS B 92 11.74 -37.32 23.64
CA LYS B 92 10.63 -36.41 23.48
C LYS B 92 11.01 -35.47 22.35
N ILE B 93 10.12 -35.27 21.38
CA ILE B 93 10.45 -34.43 20.24
C ILE B 93 9.46 -33.28 20.20
N TYR B 94 9.95 -32.04 20.10
CA TYR B 94 9.08 -30.87 19.97
C TYR B 94 9.18 -30.32 18.56
N ASN B 95 8.05 -30.19 17.87
CA ASN B 95 8.09 -29.62 16.52
C ASN B 95 7.37 -28.30 16.49
N SER B 96 7.94 -27.35 15.76
CA SER B 96 7.24 -26.07 15.64
C SER B 96 7.36 -25.51 14.25
N LEU B 97 6.45 -24.61 13.93
CA LEU B 97 6.37 -24.01 12.59
C LEU B 97 6.12 -22.51 12.73
N GLN B 98 6.94 -21.69 12.04
CA GLN B 98 6.75 -20.25 11.98
C GLN B 98 6.20 -19.93 10.59
N THR B 99 5.00 -19.34 10.53
CA THR B 99 4.34 -19.22 9.22
C THR B 99 3.64 -17.89 9.04
N ASN B 100 3.60 -17.44 7.78
CA ASN B 100 2.79 -16.26 7.45
C ASN B 100 1.27 -16.55 7.38
N GLY B 101 0.91 -17.83 7.39
CA GLY B 101 -0.48 -18.21 7.57
C GLY B 101 -1.27 -18.21 6.28
N THR B 102 -0.71 -17.61 5.23
CA THR B 102 -1.50 -17.38 3.99
C THR B 102 -1.83 -18.66 3.22
N LEU B 103 -1.12 -19.75 3.48
CA LEU B 103 -1.36 -21.03 2.79
C LEU B 103 -2.03 -22.08 3.68
N ILE B 104 -2.31 -21.69 4.91
CA ILE B 104 -2.92 -22.58 5.86
C ILE B 104 -4.37 -22.82 5.50
N ASP B 105 -4.72 -24.09 5.37
CA ASP B 105 -6.10 -24.47 5.17
C ASP B 105 -6.48 -25.60 6.12
N GLU B 106 -7.64 -26.19 5.88
CA GLU B 106 -8.13 -27.26 6.75
C GLU B 106 -7.10 -28.38 6.87
N SER B 107 -6.48 -28.77 5.77
CA SER B 107 -5.55 -29.90 5.78
C SER B 107 -4.32 -29.61 6.64
N TRP B 108 -3.77 -28.39 6.54
CA TRP B 108 -2.65 -28.01 7.42
C TRP B 108 -3.07 -27.95 8.90
N ALA B 109 -4.23 -27.36 9.19
CA ALA B 109 -4.62 -27.25 10.61
C ALA B 109 -4.83 -28.63 11.21
N LYS B 110 -5.44 -29.52 10.43
CA LYS B 110 -5.61 -30.91 10.84
C LYS B 110 -4.27 -31.56 11.13
N PHE B 111 -3.31 -31.39 10.23
CA PHE B 111 -1.98 -31.97 10.40
C PHE B 111 -1.29 -31.40 11.64
N LEU B 112 -1.32 -30.07 11.77
CA LEU B 112 -0.61 -29.38 12.86
C LEU B 112 -1.19 -29.75 14.21
N SER B 113 -2.51 -29.91 14.27
CA SER B 113 -3.15 -30.32 15.50
C SER B 113 -2.78 -31.77 15.86
N GLU B 114 -2.96 -32.69 14.92
CA GLU B 114 -2.69 -34.11 15.17
C GLU B 114 -1.25 -34.39 15.55
N ASN B 115 -0.32 -33.62 15.02
CA ASN B 115 1.09 -33.83 15.33
C ASN B 115 1.67 -32.89 16.40
N LYS B 116 0.78 -32.16 17.07
CA LYS B 116 1.14 -31.31 18.20
C LYS B 116 2.24 -30.28 17.91
N PHE B 117 2.20 -29.67 16.72
CA PHE B 117 3.13 -28.59 16.43
C PHE B 117 2.73 -27.35 17.23
N LEU B 118 3.72 -26.63 17.72
CA LEU B 118 3.48 -25.26 18.17
C LEU B 118 3.68 -24.34 16.97
N VAL B 119 2.76 -23.41 16.75
CA VAL B 119 2.85 -22.55 15.55
C VAL B 119 3.08 -21.10 15.95
N GLY B 120 3.99 -20.44 15.24
CA GLY B 120 4.11 -19.00 15.35
C GLY B 120 3.50 -18.42 14.12
N LEU B 121 2.52 -17.56 14.30
CA LEU B 121 1.80 -16.96 13.17
C LEU B 121 2.12 -15.47 13.11
N SER B 122 2.62 -14.99 11.99
CA SER B 122 2.99 -13.57 11.87
C SER B 122 1.81 -12.67 11.60
N MET B 123 1.56 -11.77 12.54
CA MET B 123 0.48 -10.81 12.42
C MET B 123 0.93 -9.52 13.07
N ASP B 124 0.83 -8.41 12.34
CA ASP B 124 1.45 -7.16 12.75
C ASP B 124 0.46 -6.24 13.47
N GLY B 125 -0.79 -6.67 13.60
CA GLY B 125 -1.79 -5.87 14.30
C GLY B 125 -3.09 -5.93 13.55
N PRO B 126 -3.96 -4.94 13.78
CA PRO B 126 -5.21 -4.87 13.03
C PRO B 126 -4.98 -4.57 11.56
N LYS B 127 -6.03 -4.68 10.75
CA LYS B 127 -5.92 -4.67 9.28
C LYS B 127 -4.96 -3.63 8.64
N GLU B 128 -5.17 -2.35 8.90
CA GLU B 128 -4.36 -1.31 8.29
C GLU B 128 -2.90 -1.36 8.66
N ILE B 129 -2.63 -1.68 9.92
CA ILE B 129 -1.27 -1.73 10.42
C ILE B 129 -0.58 -2.95 9.78
N HIS B 130 -1.31 -4.06 9.70
CA HIS B 130 -0.74 -5.30 9.12
C HIS B 130 -0.49 -5.15 7.61
N ASN B 131 -1.48 -4.71 6.87
CA ASN B 131 -1.33 -4.64 5.42
C ASN B 131 -0.35 -3.58 4.92
N LEU B 132 -0.06 -2.58 5.74
CA LEU B 132 0.89 -1.54 5.38
C LEU B 132 2.18 -2.14 4.86
N ASN B 133 2.67 -3.14 5.57
CA ASN B 133 3.94 -3.76 5.20
C ASN B 133 3.87 -5.18 4.66
N ARG B 134 2.83 -5.91 4.99
CA ARG B 134 2.77 -7.32 4.66
C ARG B 134 1.81 -7.59 3.49
N LYS B 135 2.32 -7.35 2.30
CA LYS B 135 1.53 -7.60 1.09
C LYS B 135 2.13 -8.78 0.34
N ASP B 136 1.33 -9.40 -0.51
CA ASP B 136 1.85 -10.52 -1.27
C ASP B 136 2.61 -10.09 -2.51
N CYS B 137 3.11 -11.05 -3.27
CA CYS B 137 3.95 -10.68 -4.42
CA CYS B 137 4.01 -10.61 -4.46
C CYS B 137 3.18 -9.99 -5.54
N CYS B 138 1.86 -10.08 -5.49
CA CYS B 138 1.03 -9.33 -6.45
C CYS B 138 0.54 -7.99 -5.89
N GLY B 139 1.06 -7.59 -4.73
CA GLY B 139 0.71 -6.31 -4.12
C GLY B 139 -0.59 -6.33 -3.35
N LEU B 140 -1.08 -7.53 -3.07
CA LEU B 140 -2.39 -7.70 -2.45
C LEU B 140 -2.31 -7.81 -0.93
N ASP B 141 -3.36 -7.33 -0.27
CA ASP B 141 -3.47 -7.44 1.19
C ASP B 141 -3.48 -8.90 1.69
N THR B 142 -2.96 -9.11 2.91
CA THR B 142 -2.86 -10.47 3.45
C THR B 142 -3.58 -10.67 4.79
N PHE B 143 -3.99 -9.58 5.43
CA PHE B 143 -4.60 -9.63 6.76
C PHE B 143 -5.76 -10.62 6.90
N SER B 144 -6.72 -10.60 5.97
CA SER B 144 -7.86 -11.51 6.10
C SER B 144 -7.41 -12.97 6.08
N LYS B 145 -6.34 -13.26 5.35
CA LYS B 145 -5.84 -14.61 5.24
C LYS B 145 -5.16 -15.09 6.52
N VAL B 146 -4.47 -14.16 7.15
CA VAL B 146 -3.85 -14.47 8.46
C VAL B 146 -4.93 -14.67 9.54
N GLU B 147 -5.96 -13.84 9.52
CA GLU B 147 -7.08 -14.02 10.46
C GLU B 147 -7.72 -15.37 10.22
N ARG B 148 -7.85 -15.74 8.95
CA ARG B 148 -8.42 -17.02 8.59
C ARG B 148 -7.61 -18.18 9.20
N ALA B 149 -6.29 -18.04 9.16
CA ALA B 149 -5.41 -19.07 9.71
C ALA B 149 -5.58 -19.17 11.22
N ALA B 150 -5.67 -18.03 11.90
CA ALA B 150 -5.83 -18.03 13.35
C ALA B 150 -7.16 -18.69 13.74
N GLU B 151 -8.21 -18.42 12.96
CA GLU B 151 -9.51 -19.08 13.21
C GLU B 151 -9.45 -20.59 13.00
N LEU B 152 -8.72 -21.03 11.98
CA LEU B 152 -8.53 -22.46 11.81
C LEU B 152 -7.76 -23.05 12.96
N PHE B 153 -6.77 -22.32 13.47
CA PHE B 153 -5.97 -22.84 14.57
C PHE B 153 -6.85 -22.98 15.82
N LYS B 154 -7.72 -22.01 16.06
CA LYS B 154 -8.63 -22.06 17.20
C LYS B 154 -9.57 -23.25 17.05
N LYS B 155 -10.10 -23.46 15.84
CA LYS B 155 -11.01 -24.58 15.59
C LYS B 155 -10.40 -25.96 15.82
N TYR B 156 -9.13 -26.14 15.45
CA TYR B 156 -8.45 -27.41 15.60
C TYR B 156 -7.59 -27.48 16.84
N LYS B 157 -7.71 -26.45 17.68
CA LYS B 157 -6.99 -26.38 18.94
C LYS B 157 -5.49 -26.56 18.74
N VAL B 158 -4.97 -25.89 17.71
CA VAL B 158 -3.52 -25.84 17.48
C VAL B 158 -2.97 -24.76 18.41
N GLU B 159 -1.95 -25.08 19.18
CA GLU B 159 -1.37 -24.07 20.06
C GLU B 159 -0.57 -23.12 19.20
N PHE B 160 -0.79 -21.81 19.36
CA PHE B 160 -0.04 -20.84 18.54
C PHE B 160 0.34 -19.55 19.29
N ASN B 161 1.44 -18.95 18.87
CA ASN B 161 1.84 -17.61 19.30
C ASN B 161 1.69 -16.64 18.15
N ILE B 162 1.55 -15.36 18.47
CA ILE B 162 1.52 -14.33 17.45
C ILE B 162 2.90 -13.69 17.39
N LEU B 163 3.47 -13.55 16.20
CA LEU B 163 4.74 -12.88 15.98
C LEU B 163 4.47 -11.55 15.32
N CYS B 164 4.75 -10.47 16.04
CA CYS B 164 4.45 -9.12 15.54
C CYS B 164 5.72 -8.30 15.41
N VAL B 165 6.01 -7.82 14.20
CA VAL B 165 7.21 -7.02 13.98
C VAL B 165 6.92 -5.60 14.47
N VAL B 166 7.85 -5.02 15.22
CA VAL B 166 7.66 -3.68 15.76
C VAL B 166 8.38 -2.71 14.87
N THR B 167 7.59 -1.98 14.07
CA THR B 167 8.10 -0.93 13.18
C THR B 167 7.82 0.42 13.87
N SER B 168 8.22 1.52 13.27
CA SER B 168 7.88 2.83 13.84
C SER B 168 6.36 3.04 13.94
N ASN B 169 5.60 2.51 12.99
CA ASN B 169 4.13 2.61 13.07
C ASN B 169 3.59 1.85 14.28
N THR B 170 4.12 0.66 14.55
CA THR B 170 3.68 -0.09 15.74
C THR B 170 3.90 0.69 17.02
N ALA B 171 5.06 1.34 17.11
CA ALA B 171 5.40 2.15 18.28
C ALA B 171 4.46 3.30 18.51
N ARG B 172 3.91 3.85 17.44
CA ARG B 172 3.05 5.04 17.56
C ARG B 172 1.64 4.61 17.87
N HIS B 173 1.39 3.31 17.81
CA HIS B 173 0.04 2.81 17.89
C HIS B 173 -0.04 1.56 18.74
N VAL B 174 0.67 1.55 19.87
CA VAL B 174 0.62 0.37 20.73
C VAL B 174 -0.80 0.10 21.17
N ASN B 175 -1.53 1.16 21.49
CA ASN B 175 -2.89 0.96 21.95
C ASN B 175 -3.74 0.19 20.94
N LYS B 176 -3.65 0.54 19.68
CA LYS B 176 -4.44 -0.14 18.64
C LYS B 176 -4.03 -1.60 18.44
N VAL B 177 -2.73 -1.86 18.54
CA VAL B 177 -2.22 -3.22 18.37
C VAL B 177 -2.61 -4.10 19.54
N TYR B 178 -2.37 -3.61 20.75
CA TYR B 178 -2.64 -4.41 21.94
C TYR B 178 -4.13 -4.70 22.07
N LYS B 179 -4.95 -3.71 21.77
CA LYS B 179 -6.39 -3.89 21.91
C LYS B 179 -6.92 -4.86 20.85
N TYR B 180 -6.33 -4.82 19.66
CA TYR B 180 -6.71 -5.77 18.61
C TYR B 180 -6.41 -7.20 19.05
N PHE B 181 -5.18 -7.45 19.52
CA PHE B 181 -4.86 -8.80 19.96
C PHE B 181 -5.73 -9.24 21.15
N LYS B 182 -6.08 -8.29 22.02
CA LYS B 182 -6.92 -8.61 23.16
C LYS B 182 -8.34 -8.96 22.70
N GLU B 183 -8.85 -8.22 21.71
CA GLU B 183 -10.18 -8.50 21.16
C GLU B 183 -10.25 -9.91 20.54
N LYS B 184 -9.15 -10.34 19.92
CA LYS B 184 -9.07 -11.67 19.29
C LYS B 184 -8.74 -12.80 20.27
N ASP B 185 -8.48 -12.41 21.52
CA ASP B 185 -8.03 -13.36 22.55
C ASP B 185 -6.73 -14.07 22.19
N PHE B 186 -5.79 -13.32 21.65
CA PHE B 186 -4.45 -13.85 21.43
C PHE B 186 -3.64 -13.55 22.69
N LYS B 187 -3.40 -14.57 23.52
CA LYS B 187 -2.78 -14.36 24.83
C LYS B 187 -1.30 -14.71 24.87
N PHE B 188 -0.75 -15.14 23.73
CA PHE B 188 0.67 -15.40 23.63
C PHE B 188 1.28 -14.59 22.49
N LEU B 189 2.10 -13.58 22.84
CA LEU B 189 2.56 -12.60 21.89
C LEU B 189 4.05 -12.52 21.93
N GLN B 190 4.65 -12.34 20.77
CA GLN B 190 6.07 -12.08 20.68
CA GLN B 190 6.08 -12.09 20.67
C GLN B 190 6.28 -10.88 19.78
N PHE B 191 6.89 -9.83 20.32
CA PHE B 191 7.13 -8.61 19.57
C PHE B 191 8.60 -8.62 19.14
N ILE B 192 8.81 -8.53 17.84
CA ILE B 192 10.15 -8.61 17.29
C ILE B 192 10.56 -7.27 16.76
N ASN B 193 11.65 -6.75 17.31
CA ASN B 193 12.10 -5.47 16.85
C ASN B 193 12.50 -5.46 15.39
N CYS B 194 11.99 -4.50 14.64
CA CYS B 194 12.30 -4.43 13.24
C CYS B 194 13.75 -4.06 13.04
N LEU B 195 14.49 -4.97 12.44
CA LEU B 195 15.90 -4.80 12.19
C LEU B 195 16.08 -4.23 10.81
N ASP B 196 17.03 -3.32 10.67
CA ASP B 196 17.44 -2.82 9.37
C ASP B 196 18.44 -3.84 8.85
N PRO B 197 18.64 -3.90 7.52
CA PRO B 197 19.54 -4.93 7.02
C PRO B 197 20.94 -4.82 7.63
N LEU B 198 21.55 -5.98 7.84
CA LEU B 198 22.83 -6.06 8.53
C LEU B 198 23.90 -5.18 7.87
N TYR B 199 24.56 -4.36 8.68
CA TYR B 199 25.64 -3.45 8.28
C TYR B 199 25.23 -2.21 7.47
N GLU B 200 23.96 -2.05 7.15
CA GLU B 200 23.50 -0.77 6.61
C GLU B 200 23.42 0.25 7.74
N GLU B 201 23.38 1.53 7.39
CA GLU B 201 23.20 2.55 8.40
C GLU B 201 21.79 2.42 8.97
N LYS B 202 21.66 2.51 10.29
CA LYS B 202 20.38 2.22 10.90
C LYS B 202 19.44 3.39 10.80
N GLY B 203 18.14 3.09 10.79
CA GLY B 203 17.11 4.08 10.92
C GLY B 203 16.80 4.88 9.66
N LYS B 204 17.02 4.30 8.49
CA LYS B 204 16.85 5.02 7.22
C LYS B 204 15.55 4.71 6.44
N TYR B 205 14.74 3.77 6.92
CA TYR B 205 13.46 3.49 6.24
C TYR B 205 12.30 4.05 7.03
N ASN B 206 11.17 4.20 6.36
CA ASN B 206 9.94 4.66 6.99
C ASN B 206 9.54 3.77 8.15
N TYR B 207 9.82 2.48 8.00
CA TYR B 207 9.39 1.50 9.00
C TYR B 207 10.41 1.34 10.13
N SER B 208 11.61 1.89 9.97
CA SER B 208 12.72 1.59 10.87
C SER B 208 12.37 1.90 12.31
N LEU B 209 12.72 0.99 13.21
CA LEU B 209 12.43 1.23 14.63
C LEU B 209 13.62 1.95 15.24
N LYS B 210 13.44 3.24 15.52
CA LYS B 210 14.52 4.03 16.08
C LYS B 210 14.48 3.89 17.59
N PRO B 211 15.62 4.07 18.27
CA PRO B 211 15.59 3.89 19.72
C PRO B 211 14.53 4.72 20.43
N LYS B 212 14.31 5.99 20.05
CA LYS B 212 13.27 6.75 20.75
C LYS B 212 11.88 6.16 20.57
N ASP B 213 11.65 5.55 19.39
CA ASP B 213 10.37 4.89 19.11
C ASP B 213 10.24 3.66 20.01
N TYR B 214 11.33 2.88 20.12
CA TYR B 214 11.32 1.65 20.88
C TYR B 214 11.05 1.92 22.39
N THR B 215 11.62 3.00 22.91
CA THR B 215 11.39 3.39 24.32
C THR B 215 9.91 3.62 24.58
N LYS B 216 9.28 4.41 23.71
CA LYS B 216 7.86 4.67 23.80
C LYS B 216 7.08 3.37 23.70
N PHE B 217 7.45 2.52 22.73
CA PHE B 217 6.77 1.25 22.57
C PHE B 217 6.84 0.41 23.85
N LEU B 218 8.03 0.29 24.42
CA LEU B 218 8.21 -0.63 25.55
C LEU B 218 7.44 -0.14 26.77
N LYS B 219 7.45 1.18 26.99
CA LYS B 219 6.80 1.70 28.19
C LYS B 219 5.28 1.57 28.06
N ASN B 220 4.75 1.88 26.86
CA ASN B 220 3.32 1.73 26.61
C ASN B 220 2.86 0.29 26.67
N LEU B 221 3.60 -0.63 26.04
CA LEU B 221 3.23 -2.02 26.08
C LEU B 221 3.24 -2.55 27.53
N PHE B 222 4.25 -2.15 28.30
CA PHE B 222 4.36 -2.63 29.68
C PHE B 222 3.16 -2.18 30.51
N ASP B 223 2.74 -0.93 30.30
CA ASP B 223 1.56 -0.44 30.98
C ASP B 223 0.29 -1.24 30.69
N PHE B 224 0.05 -1.59 29.42
CA PHE B 224 -1.11 -2.42 29.10
C PHE B 224 -1.01 -3.82 29.71
N TRP B 225 0.18 -4.40 29.60
CA TRP B 225 0.47 -5.73 30.13
C TRP B 225 0.25 -5.77 31.63
N TYR B 226 0.72 -4.72 32.31
CA TYR B 226 0.64 -4.69 33.76
C TYR B 226 -0.79 -4.47 34.24
N GLU B 227 -1.50 -3.57 33.59
CA GLU B 227 -2.92 -3.37 33.92
C GLU B 227 -3.66 -4.69 33.77
N ASP B 228 -3.36 -5.46 32.72
CA ASP B 228 -3.95 -6.78 32.58
C ASP B 228 -3.59 -7.74 33.72
N PHE B 229 -2.33 -7.75 34.12
CA PHE B 229 -1.90 -8.56 35.26
C PHE B 229 -2.70 -8.23 36.52
N LEU B 230 -2.92 -6.93 36.77
CA LEU B 230 -3.65 -6.49 37.97
C LEU B 230 -5.08 -7.02 37.96
N ASN B 231 -5.67 -7.08 36.77
CA ASN B 231 -7.06 -7.48 36.65
C ASN B 231 -7.26 -8.98 36.47
N GLY B 232 -6.21 -9.75 36.75
CA GLY B 232 -6.30 -11.21 36.71
C GLY B 232 -6.31 -11.84 35.33
N ASN B 233 -6.19 -11.02 34.29
CA ASN B 233 -6.11 -11.50 32.90
C ASN B 233 -4.69 -11.55 32.34
N ARG B 234 -4.07 -12.71 32.48
CA ARG B 234 -2.67 -12.90 32.10
C ARG B 234 -2.42 -12.99 30.59
N VAL B 235 -1.60 -12.06 30.09
CA VAL B 235 -1.17 -12.07 28.70
C VAL B 235 0.33 -12.35 28.72
N SER B 236 0.79 -13.33 27.95
CA SER B 236 2.21 -13.65 27.85
C SER B 236 2.87 -12.82 26.75
N ILE B 237 3.92 -12.07 27.10
CA ILE B 237 4.66 -11.26 26.13
C ILE B 237 6.09 -11.72 26.31
N ARG B 238 6.68 -12.28 25.26
CA ARG B 238 7.95 -12.94 25.38
C ARG B 238 9.07 -12.17 26.10
N TYR B 239 9.29 -10.91 25.74
CA TYR B 239 10.35 -10.12 26.36
C TYR B 239 10.12 -9.98 27.87
N PHE B 240 8.87 -9.69 28.26
CA PHE B 240 8.58 -9.46 29.70
C PHE B 240 8.69 -10.78 30.43
N ASP B 241 8.25 -11.87 29.80
CA ASP B 241 8.45 -13.22 30.37
C ASP B 241 9.92 -13.54 30.56
N GLY B 242 10.76 -13.10 29.63
CA GLY B 242 12.19 -13.39 29.70
C GLY B 242 12.80 -12.64 30.87
N LEU B 243 12.36 -11.41 31.09
CA LEU B 243 12.81 -10.65 32.26
C LEU B 243 12.38 -11.31 33.55
N LEU B 244 11.14 -11.77 33.60
CA LEU B 244 10.65 -12.47 34.79
C LEU B 244 11.43 -13.79 34.99
N GLU B 245 11.77 -14.46 33.90
CA GLU B 245 12.61 -15.67 33.98
C GLU B 245 13.95 -15.32 34.58
N THR B 246 14.59 -14.28 34.06
CA THR B 246 15.85 -13.82 34.63
C THR B 246 15.71 -13.57 36.15
N ILE B 247 14.68 -12.83 36.54
CA ILE B 247 14.52 -12.50 37.96
C ILE B 247 14.33 -13.76 38.82
N LEU B 248 13.43 -14.64 38.40
CA LEU B 248 13.04 -15.79 39.21
C LEU B 248 13.98 -17.00 39.14
N LEU B 249 14.57 -17.20 37.97
CA LEU B 249 15.37 -18.40 37.72
C LEU B 249 16.83 -18.08 37.51
N GLY B 250 17.12 -16.85 37.15
CA GLY B 250 18.48 -16.38 36.96
C GLY B 250 18.94 -16.35 35.52
N LYS B 251 18.14 -16.94 34.62
CA LYS B 251 18.46 -16.98 33.20
C LYS B 251 17.16 -17.00 32.38
N SER B 252 17.23 -16.52 31.15
CA SER B 252 16.06 -16.50 30.27
C SER B 252 16.17 -17.64 29.26
N SER B 253 15.02 -18.11 28.78
CA SER B 253 14.97 -19.14 27.74
C SER B 253 15.12 -18.55 26.33
N SER B 254 15.07 -17.22 26.22
CA SER B 254 15.19 -16.55 24.92
C SER B 254 16.61 -16.14 24.59
N CYS B 255 17.13 -16.61 23.46
CA CYS B 255 18.45 -16.19 23.03
C CYS B 255 18.42 -14.69 22.80
N GLY B 256 19.46 -13.99 23.26
CA GLY B 256 19.53 -12.55 23.10
C GLY B 256 19.29 -11.91 24.44
N MET B 257 18.78 -12.68 25.39
CA MET B 257 18.53 -12.13 26.74
C MET B 257 19.52 -12.60 27.82
N ASN B 258 20.50 -13.42 27.41
CA ASN B 258 21.46 -13.94 28.38
C ASN B 258 22.88 -13.40 28.26
N GLY B 259 23.05 -12.36 27.46
CA GLY B 259 24.31 -11.64 27.36
C GLY B 259 25.30 -12.13 26.33
N THR B 260 25.23 -13.42 25.98
CA THR B 260 26.17 -14.02 25.03
C THR B 260 25.42 -14.91 24.05
N CYS B 261 26.08 -15.23 22.93
CA CYS B 261 25.45 -15.98 21.86
C CYS B 261 25.47 -17.47 22.13
N THR B 262 24.63 -18.21 21.42
CA THR B 262 24.70 -19.66 21.48
C THR B 262 24.60 -20.16 20.05
N CYS B 263 24.89 -21.43 19.83
CA CYS B 263 24.75 -21.97 18.49
C CYS B 263 23.33 -22.51 18.33
N GLN B 264 22.55 -21.86 17.45
CA GLN B 264 21.17 -22.22 17.25
C GLN B 264 20.98 -23.34 16.23
N PHE B 265 22.06 -23.77 15.58
CA PHE B 265 21.99 -24.86 14.61
C PHE B 265 20.93 -24.56 13.55
N VAL B 266 21.14 -23.45 12.86
CA VAL B 266 20.27 -23.12 11.72
C VAL B 266 20.68 -24.01 10.55
N VAL B 267 19.72 -24.72 9.94
CA VAL B 267 20.06 -25.66 8.88
C VAL B 267 19.35 -25.21 7.61
N GLU B 268 20.13 -24.78 6.61
CA GLU B 268 19.54 -24.45 5.30
C GLU B 268 19.15 -25.71 4.53
N SER B 269 18.43 -25.53 3.43
CA SER B 269 17.80 -26.68 2.80
C SER B 269 18.84 -27.63 2.13
N ASP B 270 20.06 -27.15 1.94
CA ASP B 270 21.15 -28.00 1.44
C ASP B 270 21.91 -28.72 2.56
N GLY B 271 21.47 -28.51 3.80
CA GLY B 271 22.12 -29.15 4.95
C GLY B 271 23.23 -28.27 5.54
N SER B 272 23.51 -27.11 4.94
CA SER B 272 24.56 -26.26 5.52
C SER B 272 24.09 -25.65 6.86
N VAL B 273 25.01 -25.52 7.81
CA VAL B 273 24.65 -25.12 9.18
C VAL B 273 25.28 -23.81 9.60
N TYR B 274 24.52 -22.98 10.34
CA TYR B 274 24.94 -21.63 10.74
C TYR B 274 24.58 -21.48 12.22
N PRO B 275 25.28 -20.57 12.94
CA PRO B 275 25.09 -20.46 14.39
C PRO B 275 23.87 -19.63 14.80
N CYS B 276 23.34 -18.80 13.90
CA CYS B 276 22.21 -17.96 14.28
C CYS B 276 21.45 -17.57 13.02
N ASP B 277 20.13 -17.41 13.13
CA ASP B 277 19.40 -17.11 11.90
C ASP B 277 19.59 -15.68 11.35
N PHE B 278 20.15 -14.80 12.19
CA PHE B 278 20.58 -13.48 11.72
C PHE B 278 21.88 -13.53 10.90
N TYR B 279 22.55 -14.68 10.93
CA TYR B 279 23.93 -14.81 10.45
C TYR B 279 24.06 -16.00 9.50
N VAL B 280 23.08 -16.14 8.61
CA VAL B 280 23.14 -17.18 7.58
C VAL B 280 23.90 -16.57 6.41
N LEU B 281 25.22 -16.61 6.54
CA LEU B 281 26.14 -15.96 5.61
C LEU B 281 27.32 -16.90 5.45
N ASP B 282 28.04 -16.79 4.33
CA ASP B 282 29.16 -17.68 4.06
C ASP B 282 30.22 -17.68 5.13
N LYS B 283 30.50 -16.51 5.70
CA LYS B 283 31.57 -16.42 6.67
C LYS B 283 31.25 -17.18 7.97
N TRP B 284 29.98 -17.52 8.19
CA TRP B 284 29.60 -18.25 9.40
C TRP B 284 29.07 -19.65 9.12
N ARG B 285 29.28 -20.14 7.90
CA ARG B 285 28.87 -21.50 7.59
C ARG B 285 29.76 -22.48 8.35
N LEU B 286 29.15 -23.37 9.13
CA LEU B 286 29.90 -24.22 10.05
C LEU B 286 30.32 -25.55 9.43
N GLY B 287 29.59 -25.98 8.42
CA GLY B 287 29.74 -27.30 7.85
C GLY B 287 28.39 -27.78 7.38
N ASN B 288 28.30 -29.06 7.00
CA ASN B 288 27.06 -29.65 6.57
C ASN B 288 26.60 -30.72 7.53
N ILE B 289 25.31 -30.73 7.85
CA ILE B 289 24.78 -31.70 8.80
C ILE B 289 24.90 -33.17 8.31
N GLN B 290 25.05 -33.36 7.01
CA GLN B 290 25.20 -34.73 6.53
C GLN B 290 26.57 -35.33 6.83
N ASP B 291 27.57 -34.47 7.03
CA ASP B 291 28.97 -34.91 7.11
C ASP B 291 29.63 -34.70 8.48
N MET B 292 28.95 -33.99 9.39
CA MET B 292 29.55 -33.65 10.68
C MET B 292 28.58 -33.90 11.84
N THR B 293 29.09 -34.33 12.99
CA THR B 293 28.23 -34.48 14.15
C THR B 293 27.92 -33.09 14.71
N MET B 294 26.90 -33.01 15.55
CA MET B 294 26.52 -31.73 16.16
C MET B 294 27.67 -31.19 17.03
N LYS B 295 28.37 -32.08 17.73
CA LYS B 295 29.54 -31.65 18.48
C LYS B 295 30.65 -31.10 17.58
N GLU B 296 30.88 -31.75 16.44
CA GLU B 296 31.92 -31.28 15.54
C GLU B 296 31.52 -29.89 15.01
N LEU B 297 30.26 -29.74 14.62
CA LEU B 297 29.78 -28.41 14.20
C LEU B 297 29.97 -27.36 15.29
N PHE B 298 29.68 -27.75 16.52
CA PHE B 298 29.77 -26.80 17.63
C PHE B 298 31.23 -26.42 17.90
N GLU B 299 32.14 -27.36 17.64
CA GLU B 299 33.56 -27.16 17.97
C GLU B 299 34.36 -26.45 16.86
N THR B 300 33.74 -26.21 15.71
CA THR B 300 34.42 -25.52 14.62
C THR B 300 34.99 -24.19 15.03
N ASN B 301 36.08 -23.77 14.38
CA ASN B 301 36.67 -22.48 14.72
C ASN B 301 35.67 -21.34 14.52
N LYS B 302 34.87 -21.45 13.46
CA LYS B 302 33.88 -20.42 13.15
C LYS B 302 32.83 -20.30 14.24
N ASN B 303 32.35 -21.44 14.77
CA ASN B 303 31.35 -21.33 15.82
C ASN B 303 31.97 -20.78 17.09
N HIS B 304 33.17 -21.25 17.38
CA HIS B 304 33.88 -20.80 18.57
C HIS B 304 34.10 -19.28 18.51
N GLU B 305 34.50 -18.80 17.33
CA GLU B 305 34.72 -17.37 17.09
C GLU B 305 33.41 -16.62 17.25
N PHE B 306 32.37 -17.11 16.60
CA PHE B 306 31.05 -16.49 16.70
C PHE B 306 30.67 -16.22 18.15
N ILE B 307 30.71 -17.25 18.96
CA ILE B 307 30.34 -17.13 20.38
C ILE B 307 31.33 -16.27 21.17
N LYS B 308 32.62 -16.51 21.00
CA LYS B 308 33.64 -15.73 21.71
C LYS B 308 33.49 -14.21 21.50
N LEU B 309 33.22 -13.78 20.26
CA LEU B 309 33.04 -12.34 19.99
C LEU B 309 31.97 -11.71 20.90
N SER B 310 30.94 -12.49 21.19
CA SER B 310 29.80 -12.01 21.95
C SER B 310 30.07 -11.84 23.43
N PHE B 311 31.21 -12.33 23.91
CA PHE B 311 31.53 -12.24 25.34
C PHE B 311 32.06 -10.86 25.73
N LYS B 312 32.38 -10.05 24.73
CA LYS B 312 32.87 -8.70 25.03
C LYS B 312 31.77 -7.83 25.65
N VAL B 313 32.07 -7.27 26.82
CA VAL B 313 31.15 -6.39 27.52
C VAL B 313 31.58 -4.93 27.31
N HIS B 314 30.66 -4.11 26.83
CA HIS B 314 30.93 -2.70 26.57
C HIS B 314 31.15 -2.00 27.91
N GLU B 315 32.01 -0.99 27.93
CA GLU B 315 32.32 -0.29 29.17
C GLU B 315 31.12 0.37 29.83
N GLU B 316 30.14 0.79 29.02
CA GLU B 316 28.94 1.35 29.57
C GLU B 316 28.17 0.30 30.37
N CYS B 317 28.16 -0.94 29.88
CA CYS B 317 27.43 -2.01 30.56
C CYS B 317 28.10 -2.39 31.88
N LYS B 318 29.43 -2.37 31.94
CA LYS B 318 30.02 -2.84 33.19
C LYS B 318 29.72 -1.91 34.37
N LYS B 319 29.29 -0.69 34.10
CA LYS B 319 28.91 0.20 35.21
C LYS B 319 27.40 0.46 35.29
N CYS B 320 26.63 -0.20 34.45
CA CYS B 320 25.20 0.03 34.41
C CYS B 320 24.48 -0.68 35.56
N LYS B 321 23.55 0.04 36.17
CA LYS B 321 22.76 -0.48 37.29
C LYS B 321 21.84 -1.62 36.85
N TRP B 322 21.62 -1.71 35.54
CA TRP B 322 20.75 -2.74 34.97
C TRP B 322 21.49 -3.95 34.38
N PHE B 323 22.81 -3.92 34.40
CA PHE B 323 23.62 -4.96 33.75
C PHE B 323 23.20 -6.40 34.08
N ARG B 324 22.94 -6.69 35.36
CA ARG B 324 22.59 -8.09 35.73
C ARG B 324 21.30 -8.54 35.07
N LEU B 325 20.45 -7.59 34.72
CA LEU B 325 19.13 -7.87 34.18
C LEU B 325 19.17 -7.85 32.65
N CYS B 326 19.75 -6.80 32.09
CA CYS B 326 19.80 -6.61 30.64
C CYS B 326 20.89 -7.44 29.94
N LYS B 327 22.06 -7.48 30.56
CA LYS B 327 23.24 -8.19 30.09
C LYS B 327 23.80 -7.72 28.76
N GLY B 328 23.35 -6.57 28.29
CA GLY B 328 23.88 -6.03 27.04
C GLY B 328 23.05 -6.34 25.83
N GLY B 329 22.04 -7.20 25.99
CA GLY B 329 21.12 -7.45 24.89
C GLY B 329 21.72 -8.36 23.84
N CYS B 330 21.04 -8.43 22.71
CA CYS B 330 21.37 -9.38 21.65
C CYS B 330 22.54 -8.87 20.80
N ARG B 331 23.51 -9.74 20.56
CA ARG B 331 24.67 -9.38 19.71
C ARG B 331 24.33 -8.75 18.35
N ARG B 332 23.24 -9.20 17.73
CA ARG B 332 22.82 -8.64 16.45
C ARG B 332 22.55 -7.14 16.57
N CYS B 333 22.17 -6.69 17.76
CA CYS B 333 21.89 -5.27 17.97
C CYS B 333 23.14 -4.49 18.37
N ARG B 334 24.27 -5.17 18.40
CA ARG B 334 25.55 -4.55 18.78
C ARG B 334 26.51 -4.59 17.57
N ASP B 335 26.11 -5.30 16.53
CA ASP B 335 26.97 -5.54 15.37
C ASP B 335 26.76 -4.48 14.30
N SER B 336 27.46 -3.36 14.45
CA SER B 336 27.22 -2.19 13.61
C SER B 336 27.93 -2.31 12.28
N LYS B 337 29.17 -2.79 12.31
CA LYS B 337 30.00 -2.78 11.12
C LYS B 337 30.72 -4.10 10.89
N GLU B 338 30.85 -4.48 9.62
CA GLU B 338 31.65 -5.65 9.22
C GLU B 338 33.02 -5.67 9.91
N ASP B 339 33.30 -6.77 10.61
CA ASP B 339 34.60 -7.03 11.22
C ASP B 339 35.06 -6.03 12.29
N SER B 340 34.21 -5.09 12.66
CA SER B 340 34.50 -4.30 13.84
C SER B 340 34.14 -5.12 15.07
N ALA B 341 34.72 -4.79 16.21
CA ALA B 341 34.26 -5.41 17.44
C ALA B 341 32.87 -4.87 17.77
N LEU B 342 32.11 -5.61 18.57
CA LEU B 342 30.74 -5.21 18.88
C LEU B 342 30.73 -3.85 19.53
N GLU B 343 29.70 -3.06 19.25
CA GLU B 343 29.55 -1.80 19.96
C GLU B 343 28.45 -1.88 21.04
N LEU B 344 28.13 -0.74 21.65
CA LEU B 344 27.01 -0.70 22.58
C LEU B 344 25.70 -1.02 21.86
N ASN B 345 24.83 -1.79 22.51
CA ASN B 345 23.53 -2.13 21.93
C ASN B 345 22.81 -0.87 21.41
N TYR B 346 22.27 -0.96 20.19
CA TYR B 346 21.54 0.13 19.54
C TYR B 346 20.41 0.67 20.42
N TYR B 347 19.81 -0.25 21.18
CA TYR B 347 18.65 0.09 22.00
C TYR B 347 18.96 0.33 23.47
N CYS B 348 20.22 0.54 23.79
CA CYS B 348 20.64 0.74 25.19
C CYS B 348 19.82 1.80 25.88
N GLN B 349 19.67 2.94 25.23
CA GLN B 349 18.96 4.05 25.87
C GLN B 349 17.52 3.70 26.15
N SER B 350 16.93 2.93 25.24
CA SER B 350 15.58 2.44 25.45
C SER B 350 15.48 1.53 26.66
N TYR B 351 16.43 0.59 26.79
CA TYR B 351 16.41 -0.31 27.93
C TYR B 351 16.54 0.47 29.23
N LYS B 352 17.50 1.39 29.30
CA LYS B 352 17.70 2.18 30.55
C LYS B 352 16.42 2.88 30.98
N GLU B 353 15.74 3.54 30.05
CA GLU B 353 14.53 4.28 30.40
C GLU B 353 13.37 3.34 30.72
N PHE B 354 13.28 2.23 29.98
CA PHE B 354 12.25 1.25 30.28
C PHE B 354 12.41 0.67 31.68
N PHE B 355 13.64 0.27 32.04
CA PHE B 355 13.88 -0.35 33.36
C PHE B 355 13.57 0.62 34.49
N GLU B 356 13.92 1.89 34.30
CA GLU B 356 13.59 2.88 35.35
C GLU B 356 12.09 2.94 35.53
N TYR B 357 11.35 2.82 34.42
CA TYR B 357 9.91 2.90 34.42
C TYR B 357 9.22 1.66 34.93
N ALA B 358 9.83 0.48 34.71
CA ALA B 358 9.11 -0.77 34.88
C ALA B 358 9.65 -1.67 35.96
N PHE B 359 10.90 -1.47 36.36
CA PHE B 359 11.53 -2.45 37.28
C PHE B 359 10.75 -2.71 38.57
N PRO B 360 10.28 -1.66 39.26
CA PRO B 360 9.52 -1.91 40.50
C PRO B 360 8.29 -2.76 40.27
N ARG B 361 7.56 -2.51 39.18
CA ARG B 361 6.44 -3.38 38.86
C ARG B 361 6.83 -4.78 38.40
N LEU B 362 7.96 -4.90 37.68
CA LEU B 362 8.44 -6.22 37.32
C LEU B 362 8.75 -7.05 38.59
N ILE B 363 9.36 -6.41 39.57
CA ILE B 363 9.67 -7.10 40.83
C ILE B 363 8.36 -7.52 41.49
N ASN B 364 7.36 -6.64 41.46
CA ASN B 364 6.06 -6.95 42.04
C ASN B 364 5.47 -8.19 41.40
N VAL B 365 5.50 -8.25 40.07
CA VAL B 365 4.93 -9.37 39.38
C VAL B 365 5.74 -10.63 39.72
N ALA B 366 7.06 -10.48 39.80
CA ALA B 366 7.90 -11.64 40.02
C ALA B 366 7.62 -12.22 41.39
N ASN B 367 7.47 -11.34 42.37
CA ASN B 367 7.28 -11.78 43.75
C ASN B 367 5.86 -12.22 44.04
N ASN B 368 5.00 -12.13 43.04
CA ASN B 368 3.58 -12.43 43.22
C ASN B 368 3.05 -13.25 42.06
N ILE B 369 3.82 -14.26 41.69
CA ILE B 369 3.62 -14.96 40.42
C ILE B 369 3.32 -16.43 40.64
N HIS B 387 1.55 -24.13 26.35
CA HIS B 387 2.51 -24.09 25.24
C HIS B 387 3.76 -24.93 25.54
FE1 SF4 C . -1.80 17.15 -15.72
FE2 SF4 C . -2.09 16.58 -13.08
FE3 SF4 C . 0.00 18.02 -13.96
FE4 SF4 C . -2.46 19.13 -13.92
S1 SF4 C . -1.29 18.46 -12.12
S2 SF4 C . -0.94 19.24 -15.62
S3 SF4 C . -3.73 17.30 -14.49
S4 SF4 C . -0.42 15.87 -14.47
FE1 SF4 D . 0.02 29.96 -4.57
FE2 SF4 D . -2.06 31.64 -4.99
FE3 SF4 D . -2.52 29.06 -4.32
FE4 SF4 D . -1.51 30.80 -2.52
S1 SF4 D . -3.55 30.87 -3.51
S2 SF4 D . -0.79 28.70 -2.87
S3 SF4 D . -0.17 32.07 -3.77
S4 SF4 D . -1.55 29.81 -6.24
FE1 SF4 E . -14.68 17.87 -27.23
FE2 SF4 E . -16.15 15.93 -25.81
FE3 SF4 E . -17.36 18.17 -27.10
FE4 SF4 E . -16.21 16.17 -28.51
S1 SF4 E . -18.04 16.00 -27.13
S2 SF4 E . -16.07 18.31 -29.05
S3 SF4 E . -14.38 15.65 -27.29
S4 SF4 E . -15.93 18.19 -25.32
N SAM F . -16.11 13.58 -25.55
CA SAM F . -16.24 13.24 -24.17
C SAM F . -17.00 14.28 -23.36
O SAM F . -17.37 15.36 -23.82
OXT SAM F . -17.21 14.05 -22.18
CB SAM F . -14.88 12.88 -23.55
CG SAM F . -13.66 13.76 -23.85
SD SAM F . -13.94 15.50 -23.39
CE SAM F . -12.38 16.22 -23.93
C5' SAM F . -13.59 15.34 -21.60
C4' SAM F . -14.09 16.51 -20.76
O4' SAM F . -13.21 17.59 -21.04
C3' SAM F . -15.51 16.94 -21.09
O3' SAM F . -16.25 17.13 -19.89
C2' SAM F . -15.30 18.25 -21.82
O2' SAM F . -16.42 19.08 -21.73
C1' SAM F . -14.03 18.75 -21.12
N9 SAM F . -13.46 19.86 -21.91
C8 SAM F . -13.57 20.11 -23.25
N7 SAM F . -12.94 21.28 -23.54
C5 SAM F . -12.48 21.80 -22.38
C6 SAM F . -11.79 22.96 -22.07
N6 SAM F . -11.46 23.85 -23.01
N1 SAM F . -11.46 23.17 -20.75
C2 SAM F . -11.79 22.27 -19.77
N3 SAM F . -12.48 21.13 -20.08
C4 SAM F . -12.83 20.92 -21.37
CL CL G . -15.60 20.38 -8.81
FE1 SF4 H . 21.74 -14.72 17.52
FE2 SF4 H . 21.27 -15.20 20.14
FE3 SF4 H . 23.57 -14.04 19.36
FE4 SF4 H . 21.25 -12.65 19.28
S1 SF4 H . 22.25 -13.38 21.13
S2 SF4 H . 22.87 -12.75 17.64
S3 SF4 H . 19.80 -14.32 18.67
S4 SF4 H . 22.90 -16.14 18.85
FE1 SF4 I . 24.42 -2.16 28.72
FE2 SF4 I . 22.57 -0.30 28.16
FE3 SF4 I . 21.77 -2.79 28.87
FE4 SF4 I . 22.86 -1.12 30.69
S1 SF4 I . 20.91 -0.84 29.58
S2 SF4 I . 23.38 -3.30 30.40
S3 SF4 I . 24.42 -0.02 29.49
S4 SF4 I . 22.90 -2.20 26.99
FE1 SF4 J . 9.69 -12.39 4.97
FE2 SF4 J . 7.89 -14.14 6.30
FE3 SF4 J . 7.13 -11.74 4.91
FE4 SF4 J . 8.05 -13.90 3.58
S1 SF4 J . 6.14 -13.85 4.87
S2 SF4 J . 8.48 -11.79 3.05
S3 SF4 J . 9.73 -14.63 4.91
S4 SF4 J . 8.38 -11.91 6.79
N SAM K . 7.57 -16.55 6.55
CA SAM K . 7.39 -16.84 7.95
C SAM K . 6.72 -15.69 8.70
O SAM K . 6.51 -14.60 8.19
OXT SAM K . 6.35 -15.86 9.85
CB SAM K . 8.66 -17.36 8.64
CG SAM K . 9.98 -16.59 8.40
SD SAM K . 9.92 -14.86 8.90
CE SAM K . 11.55 -14.30 8.38
C5' SAM K . 10.07 -15.01 10.71
C4' SAM K . 9.67 -13.75 11.48
O4' SAM K . 10.65 -12.76 11.26
C3' SAM K . 8.31 -13.17 11.05
O3' SAM K . 7.50 -12.85 12.18
C2' SAM K . 8.74 -11.89 10.34
O2' SAM K . 7.77 -10.87 10.23
C1' SAM K . 9.98 -11.51 11.17
N9 SAM K . 10.74 -10.49 10.43
C8 SAM K . 10.75 -10.24 9.07
N7 SAM K . 11.55 -9.17 8.82
C5 SAM K . 12.04 -8.72 9.99
C6 SAM K . 12.87 -7.66 10.30
N6 SAM K . 13.36 -6.85 9.37
N1 SAM K . 13.18 -7.49 11.62
C2 SAM K . 12.67 -8.30 12.59
N3 SAM K . 11.84 -9.35 12.30
C4 SAM K . 11.53 -9.54 11.00
CL CL L . 8.11 -9.78 23.11
CL CL M . -7.16 -7.88 4.19
#